data_2ICH
#
_entry.id   2ICH
#
_cell.length_a   63.275
_cell.length_b   95.573
_cell.length_c   121.745
_cell.angle_alpha   90.000
_cell.angle_beta   90.000
_cell.angle_gamma   90.000
#
_symmetry.space_group_name_H-M   'P 21 21 21'
#
loop_
_entity.id
_entity.type
_entity.pdbx_description
1 polymer 'Putative AttH'
2 non-polymer 'SULFATE ION'
3 non-polymer '2-[N-CYCLOHEXYLAMINO]ETHANE SULFONIC ACID'
4 non-polymer GLYCEROL
5 water water
#
_entity_poly.entity_id   1
_entity_poly.type   'polypeptide(L)'
_entity_poly.pdbx_seq_one_letter_code
;GVLAPVVPGKALEFPQDFGAHNDFRIEWWYVTGWLETPTGKPLGFQITFFRTATEIDRDNPSHFAPDQLIIAHVALSDPA
IGKLQHDQKIARAGFDLAYARTGNTDVKLDDWIFVRETDGRYRTRIEAEDFTLTFILTPSQPL(MSE)LQGENGFSRKGP
GAPQASYYYSEPHLQVSGIINRQGEDIPVTGTAWLDREWSSEYLDPNAAGWDWISANLDDGSAL(MSE)AFQIRGKDDSK
IWAYAALRDASGHTRLFTPDQVSFHPIRTWRSARTQAVYPVATRVLTGETEWQITPL(MSE)DDQELDSRASAGAVYWEG
AVTFTRDGQPAGRGY(MSE)ELTGYVRPLS(MSE)
;
_entity_poly.pdbx_strand_id   A,B
#
# COMPACT_ATOMS: atom_id res chain seq x y z
N LEU A 3 -19.23 8.56 -4.63
CA LEU A 3 -20.70 8.66 -4.92
C LEU A 3 -20.94 9.49 -6.19
N ALA A 4 -20.30 10.67 -6.27
CA ALA A 4 -20.66 11.72 -7.25
C ALA A 4 -20.22 11.39 -8.69
N PRO A 5 -21.16 11.46 -9.67
CA PRO A 5 -20.82 11.17 -11.08
C PRO A 5 -20.22 12.34 -11.85
N VAL A 6 -19.43 12.03 -12.86
CA VAL A 6 -18.88 13.05 -13.74
C VAL A 6 -19.83 13.24 -14.94
N VAL A 7 -20.38 14.44 -15.04
CA VAL A 7 -21.35 14.77 -16.11
C VAL A 7 -21.02 16.12 -16.75
N PRO A 8 -21.35 16.26 -18.04
CA PRO A 8 -21.09 17.53 -18.66
C PRO A 8 -22.08 18.63 -18.25
N GLY A 9 -21.67 19.86 -18.55
CA GLY A 9 -22.46 21.05 -18.22
C GLY A 9 -22.21 21.51 -16.81
N LYS A 10 -21.23 20.92 -16.11
CA LYS A 10 -20.86 21.39 -14.78
C LYS A 10 -19.60 22.19 -14.89
N ALA A 11 -19.73 23.48 -14.60
CA ALA A 11 -18.64 24.41 -14.75
C ALA A 11 -17.81 24.36 -13.49
N LEU A 12 -16.51 24.41 -13.67
CA LEU A 12 -15.61 24.44 -12.57
C LEU A 12 -15.59 25.84 -12.02
N GLU A 13 -15.33 25.93 -10.71
CA GLU A 13 -15.31 27.24 -10.06
C GLU A 13 -14.11 27.28 -9.18
N PHE A 14 -13.45 28.42 -9.20
CA PHE A 14 -12.22 28.59 -8.46
C PHE A 14 -12.40 29.82 -7.52
N PRO A 15 -11.80 29.77 -6.31
CA PRO A 15 -10.81 28.74 -5.95
C PRO A 15 -11.37 27.40 -5.45
N GLN A 16 -12.68 27.24 -5.39
CA GLN A 16 -13.26 26.01 -4.84
C GLN A 16 -12.66 24.71 -5.39
N ASP A 17 -12.50 24.63 -6.72
CA ASP A 17 -12.08 23.38 -7.37
C ASP A 17 -10.58 23.17 -7.39
N PHE A 18 -9.83 24.05 -6.73
CA PHE A 18 -8.45 23.73 -6.32
C PHE A 18 -8.40 22.68 -5.19
N GLY A 19 -9.46 22.66 -4.37
CA GLY A 19 -9.48 21.81 -3.15
C GLY A 19 -9.84 20.40 -3.48
N ALA A 20 -9.69 19.50 -2.49
CA ALA A 20 -10.00 18.10 -2.75
C ALA A 20 -11.50 17.92 -2.99
N HIS A 21 -11.84 16.82 -3.66
CA HIS A 21 -13.19 16.52 -4.06
C HIS A 21 -13.52 15.18 -3.46
N ASN A 22 -13.72 15.19 -2.15
CA ASN A 22 -13.87 13.95 -1.39
C ASN A 22 -15.14 13.19 -1.61
N ASP A 23 -16.09 13.83 -2.28
CA ASP A 23 -17.32 13.19 -2.74
C ASP A 23 -17.10 12.32 -4.00
N PHE A 24 -15.92 12.40 -4.65
CA PHE A 24 -15.63 11.53 -5.79
C PHE A 24 -14.76 10.34 -5.39
N ARG A 25 -14.88 9.28 -6.17
CA ARG A 25 -14.18 8.07 -5.87
C ARG A 25 -12.67 8.26 -5.98
N ILE A 26 -12.23 8.92 -7.06
CA ILE A 26 -10.81 9.03 -7.44
C ILE A 26 -10.36 10.49 -7.61
N GLU A 27 -9.13 10.80 -7.22
CA GLU A 27 -8.59 12.16 -7.46
C GLU A 27 -7.10 12.06 -7.60
N TRP A 28 -6.56 12.93 -8.45
CA TRP A 28 -5.13 12.96 -8.74
C TRP A 28 -4.61 14.36 -8.54
N TRP A 29 -3.38 14.43 -8.02
CA TRP A 29 -2.55 15.62 -8.06
C TRP A 29 -1.25 15.13 -8.64
N TYR A 30 -0.90 15.59 -9.84
CA TYR A 30 0.28 15.05 -10.57
C TYR A 30 1.16 16.23 -10.97
N VAL A 31 2.38 16.29 -10.41
CA VAL A 31 3.33 17.37 -10.73
C VAL A 31 4.53 16.80 -11.44
N THR A 32 4.86 17.40 -12.59
CA THR A 32 6.04 17.08 -13.40
C THR A 32 6.84 18.34 -13.72
N GLY A 33 8.16 18.20 -13.79
CA GLY A 33 8.97 19.35 -14.12
C GLY A 33 10.44 19.08 -14.33
N TRP A 34 11.11 20.11 -14.80
CA TRP A 34 12.55 20.16 -15.02
C TRP A 34 13.13 21.21 -14.08
N LEU A 35 14.35 20.96 -13.63
CA LEU A 35 15.06 21.83 -12.73
C LEU A 35 16.41 22.18 -13.29
N GLU A 36 16.98 23.23 -12.73
CA GLU A 36 18.36 23.61 -13.04
C GLU A 36 19.09 23.88 -11.73
N THR A 37 20.25 23.25 -11.57
CA THR A 37 21.11 23.50 -10.41
C THR A 37 22.02 24.69 -10.64
N PRO A 38 22.74 25.15 -9.58
CA PRO A 38 23.65 26.25 -9.70
C PRO A 38 24.71 26.04 -10.78
N THR A 39 25.03 24.79 -11.14
CA THR A 39 26.06 24.52 -12.16
C THR A 39 25.45 24.48 -13.56
N GLY A 40 24.12 24.61 -13.67
CA GLY A 40 23.43 24.54 -14.95
C GLY A 40 22.94 23.16 -15.31
N LYS A 41 23.22 22.16 -14.47
CA LYS A 41 22.87 20.80 -14.81
C LYS A 41 21.35 20.68 -14.73
N PRO A 42 20.74 19.97 -15.70
CA PRO A 42 19.31 19.65 -15.57
C PRO A 42 18.96 18.41 -14.76
N LEU A 43 17.82 18.49 -14.09
CA LEU A 43 17.22 17.33 -13.43
C LEU A 43 15.72 17.34 -13.70
N GLY A 44 15.11 16.17 -13.74
CA GLY A 44 13.70 16.06 -13.88
C GLY A 44 13.15 15.60 -12.55
N PHE A 45 11.94 16.02 -12.23
CA PHE A 45 11.27 15.40 -11.09
C PHE A 45 9.76 15.22 -11.39
N GLN A 46 9.14 14.32 -10.63
CA GLN A 46 7.71 14.24 -10.55
C GLN A 46 7.23 13.80 -9.19
N ILE A 47 6.01 14.24 -8.90
CA ILE A 47 5.31 13.89 -7.67
C ILE A 47 3.86 13.51 -8.00
N THR A 48 3.42 12.36 -7.48
CA THR A 48 2.05 11.93 -7.63
C THR A 48 1.42 11.66 -6.28
N PHE A 49 0.25 12.23 -6.09
CA PHE A 49 -0.75 11.79 -5.07
C PHE A 49 -2.04 11.38 -5.79
N PHE A 50 -2.65 10.28 -5.36
CA PHE A 50 -3.82 9.67 -5.99
C PHE A 50 -4.68 9.14 -4.79
N ARG A 51 -5.93 9.59 -4.68
CA ARG A 51 -6.86 9.09 -3.65
C ARG A 51 -7.92 8.25 -4.30
N THR A 52 -8.22 7.11 -3.71
CA THR A 52 -9.34 6.31 -4.15
C THR A 52 -10.10 5.72 -2.93
N ALA A 53 -11.37 5.36 -3.12
CA ALA A 53 -12.28 5.02 -2.02
C ALA A 53 -12.81 3.62 -2.17
N SER A 62 -12.57 2.82 10.58
CA SER A 62 -11.94 1.59 11.08
C SER A 62 -10.49 1.83 11.50
N HIS A 63 -10.12 1.35 12.71
CA HIS A 63 -8.76 1.50 13.32
C HIS A 63 -7.56 0.83 12.59
N PHE A 64 -7.85 0.02 11.55
CA PHE A 64 -6.81 -0.65 10.72
C PHE A 64 -7.21 -0.94 9.21
N ALA A 65 -8.53 -0.97 8.92
CA ALA A 65 -9.09 -1.45 7.61
C ALA A 65 -8.88 -0.51 6.39
N PRO A 66 -8.31 -1.03 5.29
CA PRO A 66 -7.96 -0.14 4.13
C PRO A 66 -9.11 0.38 3.23
N ASP A 67 -9.98 1.27 3.77
CA ASP A 67 -11.27 1.65 3.10
C ASP A 67 -11.12 2.80 2.08
N GLN A 68 -10.53 3.92 2.52
CA GLN A 68 -10.12 5.03 1.66
C GLN A 68 -8.58 5.16 1.67
N LEU A 69 -7.98 5.39 0.50
CA LEU A 69 -6.54 5.29 0.33
C LEU A 69 -5.91 6.45 -0.36
N ILE A 70 -4.75 6.88 0.15
CA ILE A 70 -3.94 7.84 -0.53
C ILE A 70 -2.62 7.19 -0.85
N ILE A 71 -2.29 7.23 -2.15
CA ILE A 71 -1.13 6.59 -2.72
C ILE A 71 -0.28 7.70 -3.32
N ALA A 72 1.03 7.63 -3.09
CA ALA A 72 1.92 8.66 -3.61
C ALA A 72 3.25 8.07 -4.06
N HIS A 73 3.85 8.73 -5.04
CA HIS A 73 5.17 8.40 -5.43
C HIS A 73 5.88 9.66 -5.91
N VAL A 74 7.20 9.62 -5.81
CA VAL A 74 8.02 10.71 -6.21
C VAL A 74 9.24 10.12 -6.90
N ALA A 75 9.85 10.91 -7.79
CA ALA A 75 11.12 10.54 -8.46
C ALA A 75 11.96 11.72 -8.87
N LEU A 76 13.27 11.48 -8.93
CA LEU A 76 14.23 12.41 -9.40
C LEU A 76 15.02 11.74 -10.50
N SER A 77 15.11 12.47 -11.60
CA SER A 77 15.80 12.01 -12.79
C SER A 77 17.12 12.83 -13.00
N ASP A 78 18.22 12.15 -12.70
CA ASP A 78 19.56 12.67 -12.81
C ASP A 78 20.32 11.80 -13.80
N PRO A 79 20.75 12.37 -14.96
CA PRO A 79 21.47 11.54 -15.94
C PRO A 79 22.78 11.00 -15.40
N ALA A 80 23.32 11.65 -14.40
CA ALA A 80 24.58 11.19 -13.83
C ALA A 80 24.35 9.87 -13.08
N ILE A 81 23.11 9.60 -12.61
CA ILE A 81 22.75 8.31 -12.00
C ILE A 81 22.34 7.30 -13.07
N GLY A 82 21.63 7.75 -14.10
CA GLY A 82 21.26 6.84 -15.19
C GLY A 82 20.03 5.99 -14.95
N LYS A 83 19.40 6.18 -13.80
CA LYS A 83 18.12 5.55 -13.44
C LYS A 83 17.48 6.41 -12.36
N LEU A 84 16.20 6.16 -12.13
CA LEU A 84 15.47 7.02 -11.19
C LEU A 84 15.99 6.80 -9.79
N GLN A 85 15.92 7.86 -9.02
CA GLN A 85 15.84 7.74 -7.58
C GLN A 85 14.37 7.96 -7.28
N HIS A 86 13.75 7.07 -6.54
CA HIS A 86 12.33 7.14 -6.32
C HIS A 86 11.93 6.63 -4.94
N ASP A 87 10.72 6.99 -4.54
CA ASP A 87 10.15 6.51 -3.30
C ASP A 87 8.64 6.52 -3.54
N GLN A 88 7.95 5.78 -2.68
CA GLN A 88 6.53 5.49 -2.85
C GLN A 88 5.93 5.06 -1.53
N LYS A 89 4.65 5.45 -1.33
CA LYS A 89 3.95 5.26 -0.03
C LYS A 89 2.46 5.11 -0.25
N ILE A 90 1.80 4.51 0.74
CA ILE A 90 0.37 4.48 0.76
C ILE A 90 -0.15 4.47 2.17
N ALA A 91 -1.21 5.26 2.41
CA ALA A 91 -1.88 5.29 3.70
C ALA A 91 -3.38 5.19 3.59
N ARG A 92 -3.98 4.64 4.62
CA ARG A 92 -5.42 4.73 4.83
C ARG A 92 -5.79 6.18 5.18
N ALA A 93 -6.78 6.74 4.49
CA ALA A 93 -7.23 8.10 4.75
C ALA A 93 -8.58 8.08 5.41
N GLY A 94 -8.98 9.21 5.98
CA GLY A 94 -10.21 9.27 6.77
C GLY A 94 -10.11 8.92 8.26
N PHE A 95 -8.98 8.33 8.66
CA PHE A 95 -8.82 7.78 10.02
C PHE A 95 -8.09 8.76 10.97
N ASP A 96 -6.90 9.19 10.55
CA ASP A 96 -6.13 10.17 11.28
C ASP A 96 -5.76 11.28 10.28
N LEU A 97 -6.58 12.32 10.24
CA LEU A 97 -6.40 13.41 9.27
C LEU A 97 -5.05 14.11 9.46
N ALA A 98 -4.53 14.07 10.69
CA ALA A 98 -3.18 14.54 10.95
C ALA A 98 -2.14 13.73 10.16
N TYR A 99 -2.34 12.41 10.03
CA TYR A 99 -1.37 11.56 9.32
C TYR A 99 -1.50 11.57 7.79
N ALA A 100 -2.75 11.38 7.33
CA ALA A 100 -3.03 11.30 5.90
C ALA A 100 -4.44 11.82 5.58
N ARG A 101 -4.50 12.79 4.67
CA ARG A 101 -5.72 13.50 4.28
C ARG A 101 -5.59 14.20 2.90
N THR A 102 -6.74 14.44 2.27
CA THR A 102 -6.88 15.32 1.11
C THR A 102 -7.99 16.26 1.51
N GLY A 103 -7.65 17.54 1.65
CA GLY A 103 -8.65 18.49 2.13
C GLY A 103 -8.74 19.73 1.27
N ASN A 104 -9.13 20.84 1.89
CA ASN A 104 -9.44 22.07 1.17
C ASN A 104 -8.19 22.76 0.66
N THR A 105 -7.08 22.63 1.36
CA THR A 105 -5.87 23.32 0.94
C THR A 105 -4.66 22.44 0.77
N ASP A 106 -4.71 21.19 1.25
CA ASP A 106 -3.59 20.32 1.11
C ASP A 106 -3.90 18.84 0.96
N VAL A 107 -2.81 18.15 0.66
CA VAL A 107 -2.73 16.71 0.61
C VAL A 107 -1.51 16.36 1.43
N LYS A 108 -1.61 15.28 2.23
CA LYS A 108 -0.58 14.85 3.16
C LYS A 108 -0.63 13.31 3.24
N LEU A 109 0.53 12.69 3.08
CA LEU A 109 0.73 11.26 3.40
C LEU A 109 1.97 11.21 4.30
N ASP A 110 1.77 10.88 5.57
CA ASP A 110 2.86 10.92 6.56
C ASP A 110 3.50 12.31 6.47
N ASP A 111 4.81 12.42 6.28
CA ASP A 111 5.46 13.75 6.18
C ASP A 111 5.34 14.33 4.78
N TRP A 112 5.00 13.51 3.79
CA TRP A 112 4.91 14.04 2.41
C TRP A 112 3.75 15.00 2.33
N ILE A 113 3.99 16.25 1.94
CA ILE A 113 2.90 17.20 1.85
C ILE A 113 2.86 18.11 0.60
N PHE A 114 1.65 18.43 0.17
CA PHE A 114 1.44 19.27 -0.97
C PHE A 114 0.29 20.20 -0.65
N VAL A 115 0.54 21.51 -0.70
CA VAL A 115 -0.33 22.52 -0.09
C VAL A 115 -0.53 23.66 -1.06
N ARG A 116 -1.76 24.13 -1.21
CA ARG A 116 -1.98 25.39 -1.98
C ARG A 116 -2.22 26.58 -1.07
N GLU A 117 -1.32 27.55 -1.20
CA GLU A 117 -1.46 28.83 -0.47
C GLU A 117 -2.61 29.67 -1.02
N THR A 118 -3.08 30.62 -0.22
CA THR A 118 -4.14 31.54 -0.63
C THR A 118 -3.78 32.31 -1.89
N ASP A 119 -2.53 32.72 -2.01
CA ASP A 119 -2.08 33.45 -3.19
C ASP A 119 -1.90 32.61 -4.46
N GLY A 120 -2.03 31.28 -4.37
CA GLY A 120 -2.00 30.43 -5.56
C GLY A 120 -0.74 29.64 -5.71
N ARG A 121 0.27 29.99 -4.92
CA ARG A 121 1.50 29.26 -4.93
C ARG A 121 1.31 27.87 -4.28
N TYR A 122 1.99 26.86 -4.81
CA TYR A 122 2.03 25.52 -4.23
C TYR A 122 3.34 25.43 -3.49
N ARG A 123 3.28 24.90 -2.28
CA ARG A 123 4.46 24.49 -1.51
C ARG A 123 4.41 22.97 -1.27
N THR A 124 5.57 22.35 -1.38
CA THR A 124 5.64 20.92 -1.18
C THR A 124 6.93 20.52 -0.50
N ARG A 125 6.81 19.61 0.46
CA ARG A 125 7.95 18.98 1.08
C ARG A 125 7.78 17.47 0.95
N ILE A 126 8.76 16.85 0.30
CA ILE A 126 8.74 15.45 0.03
C ILE A 126 10.09 14.91 0.40
N GLU A 127 10.17 14.39 1.61
CA GLU A 127 11.39 13.74 2.09
C GLU A 127 11.40 12.26 1.74
N ALA A 128 12.21 11.91 0.74
CA ALA A 128 12.36 10.54 0.31
C ALA A 128 13.62 9.93 0.86
N GLU A 129 13.84 8.67 0.53
CA GLU A 129 15.02 7.95 1.01
C GLU A 129 16.35 8.62 0.65
N ASP A 130 16.51 9.00 -0.60
CA ASP A 130 17.80 9.50 -1.10
C ASP A 130 17.81 10.97 -1.52
N PHE A 131 16.67 11.62 -1.46
CA PHE A 131 16.59 13.04 -1.66
C PHE A 131 15.40 13.63 -0.92
N THR A 132 15.44 14.96 -0.73
CA THR A 132 14.28 15.74 -0.27
C THR A 132 14.00 16.87 -1.27
N LEU A 133 12.74 17.02 -1.64
CA LEU A 133 12.26 18.16 -2.40
C LEU A 133 11.46 19.14 -1.53
N THR A 134 11.93 20.39 -1.48
CA THR A 134 11.21 21.43 -0.79
C THR A 134 11.03 22.63 -1.71
N PHE A 135 9.89 22.70 -2.36
CA PHE A 135 9.72 23.60 -3.48
C PHE A 135 8.54 24.48 -3.34
N ILE A 136 8.65 25.63 -4.01
CA ILE A 136 7.50 26.46 -4.27
C ILE A 136 7.24 26.45 -5.77
N LEU A 137 5.98 26.29 -6.14
CA LEU A 137 5.57 26.24 -7.54
C LEU A 137 4.62 27.41 -7.78
N THR A 138 5.02 28.40 -8.59
CA THR A 138 4.28 29.68 -8.67
C THR A 138 3.63 29.77 -10.04
N PRO A 139 2.30 29.84 -10.08
CA PRO A 139 1.65 29.98 -11.38
C PRO A 139 2.10 31.19 -12.14
N SER A 140 2.10 31.07 -13.47
CA SER A 140 2.42 32.18 -14.34
C SER A 140 1.38 32.48 -15.42
N GLN A 141 0.40 31.61 -15.58
CA GLN A 141 -0.65 31.75 -16.56
C GLN A 141 -1.99 31.35 -15.96
N PRO A 142 -3.08 31.77 -16.61
CA PRO A 142 -4.36 31.18 -16.18
C PRO A 142 -4.31 29.64 -16.31
N LEU A 143 -5.07 28.96 -15.47
CA LEU A 143 -5.13 27.54 -15.48
C LEU A 143 -5.79 27.13 -16.82
N LEU A 145 -8.27 24.55 -18.48
CA LEU A 145 -9.32 23.55 -18.47
C LEU A 145 -9.00 22.54 -19.54
N GLN A 146 -9.15 21.25 -19.25
CA GLN A 146 -9.11 20.24 -20.33
C GLN A 146 -10.48 19.87 -20.78
N GLY A 147 -10.54 19.25 -21.96
CA GLY A 147 -11.78 18.92 -22.63
C GLY A 147 -12.74 20.08 -22.82
N GLU A 148 -14.02 19.79 -22.56
CA GLU A 148 -15.10 20.71 -22.72
C GLU A 148 -15.32 21.38 -21.41
N ASN A 149 -14.61 22.49 -21.20
CA ASN A 149 -14.71 23.29 -19.98
C ASN A 149 -14.46 22.45 -18.71
N GLY A 150 -13.49 21.55 -18.82
CA GLY A 150 -13.12 20.73 -17.70
C GLY A 150 -13.72 19.34 -17.74
N PHE A 151 -14.73 19.11 -18.58
CA PHE A 151 -15.27 17.75 -18.74
C PHE A 151 -14.45 17.06 -19.79
N SER A 152 -13.66 16.08 -19.39
N SER A 152 -13.68 16.07 -19.36
CA SER A 152 -12.72 15.45 -20.29
CA SER A 152 -12.67 15.41 -20.18
C SER A 152 -12.96 13.94 -20.37
C SER A 152 -13.01 13.92 -20.35
N ARG A 153 -13.33 13.51 -21.58
CA ARG A 153 -13.71 12.15 -21.87
C ARG A 153 -12.44 11.29 -22.03
N LYS A 154 -12.54 10.00 -21.67
CA LYS A 154 -11.39 9.08 -21.62
C LYS A 154 -11.75 7.71 -22.16
N GLY A 155 -12.87 7.65 -22.89
CA GLY A 155 -13.34 6.39 -23.44
C GLY A 155 -14.68 6.63 -24.11
N PRO A 156 -15.12 5.67 -24.93
CA PRO A 156 -16.38 5.85 -25.63
C PRO A 156 -17.64 5.73 -24.75
N GLY A 157 -17.60 4.96 -23.66
CA GLY A 157 -18.75 4.84 -22.78
C GLY A 157 -19.14 6.18 -22.16
N ALA A 158 -20.44 6.39 -21.95
CA ALA A 158 -20.96 7.65 -21.42
C ALA A 158 -20.33 8.04 -20.08
N PRO A 159 -20.19 7.05 -19.18
CA PRO A 159 -19.57 7.36 -17.90
C PRO A 159 -18.06 7.57 -17.93
N GLN A 160 -17.41 7.40 -19.08
CA GLN A 160 -15.94 7.34 -19.13
C GLN A 160 -15.39 8.72 -19.30
N ALA A 161 -15.37 9.44 -18.18
CA ALA A 161 -14.91 10.84 -18.15
C ALA A 161 -14.39 11.29 -16.76
N SER A 162 -13.67 12.42 -16.78
CA SER A 162 -13.05 13.02 -15.60
C SER A 162 -13.32 14.47 -15.65
N TYR A 163 -13.35 15.12 -14.48
CA TYR A 163 -13.13 16.57 -14.42
C TYR A 163 -11.63 16.73 -14.34
N TYR A 164 -11.09 17.70 -15.08
CA TYR A 164 -9.65 17.74 -15.37
C TYR A 164 -9.23 19.15 -15.80
N TYR A 165 -8.24 19.70 -15.08
CA TYR A 165 -7.60 20.91 -15.51
C TYR A 165 -6.13 20.77 -15.21
N SER A 166 -5.38 21.72 -15.76
CA SER A 166 -3.94 21.78 -15.56
C SER A 166 -3.51 23.21 -15.18
N GLU A 167 -2.40 23.28 -14.44
CA GLU A 167 -1.64 24.54 -14.30
C GLU A 167 -0.27 24.36 -14.94
N PRO A 168 -0.15 24.87 -16.15
CA PRO A 168 1.10 24.78 -16.89
C PRO A 168 2.04 25.91 -16.50
N HIS A 169 3.30 25.77 -16.86
CA HIS A 169 4.26 26.88 -16.69
C HIS A 169 4.37 27.40 -15.23
N LEU A 170 4.34 26.46 -14.31
CA LEU A 170 4.65 26.73 -12.93
C LEU A 170 6.10 27.05 -12.81
N GLN A 171 6.42 28.17 -12.16
CA GLN A 171 7.80 28.48 -11.87
C GLN A 171 8.25 27.82 -10.58
N VAL A 172 9.40 27.15 -10.65
CA VAL A 172 9.93 26.39 -9.54
C VAL A 172 11.05 27.12 -8.86
N SER A 173 10.90 27.23 -7.54
CA SER A 173 12.02 27.66 -6.70
C SER A 173 12.14 26.74 -5.52
N GLY A 174 13.30 26.79 -4.89
CA GLY A 174 13.48 26.07 -3.63
C GLY A 174 14.71 25.21 -3.61
N ILE A 175 14.66 24.11 -2.84
CA ILE A 175 15.87 23.38 -2.38
C ILE A 175 15.70 21.88 -2.51
N ILE A 176 16.71 21.21 -3.07
CA ILE A 176 16.81 19.75 -3.09
C ILE A 176 17.92 19.39 -2.15
N ASN A 177 17.68 18.41 -1.26
CA ASN A 177 18.71 17.84 -0.43
C ASN A 177 19.04 16.47 -0.97
N ARG A 178 20.31 16.21 -1.25
CA ARG A 178 20.79 14.87 -1.62
C ARG A 178 22.17 14.67 -0.97
N GLN A 179 22.47 13.48 -0.47
CA GLN A 179 23.80 13.18 0.12
C GLN A 179 24.02 14.13 1.29
N GLY A 180 22.91 14.47 1.96
CA GLY A 180 22.93 15.44 3.04
C GLY A 180 23.58 16.75 2.60
N GLU A 181 23.11 17.29 1.48
N GLU A 181 23.11 17.27 1.47
CA GLU A 181 23.66 18.54 0.93
CA GLU A 181 23.62 18.52 0.90
C GLU A 181 22.56 19.33 0.21
C GLU A 181 22.47 19.29 0.28
N ASP A 182 22.29 20.52 0.73
CA ASP A 182 21.22 21.36 0.22
C ASP A 182 21.68 22.13 -1.06
N ILE A 183 20.92 22.01 -2.12
CA ILE A 183 21.18 22.75 -3.33
C ILE A 183 19.90 23.54 -3.76
N PRO A 184 20.02 24.84 -4.02
CA PRO A 184 18.92 25.60 -4.59
C PRO A 184 18.81 25.42 -6.11
N VAL A 185 17.56 25.41 -6.56
CA VAL A 185 17.21 25.06 -7.93
C VAL A 185 16.18 26.07 -8.45
N THR A 186 16.14 26.21 -9.76
CA THR A 186 15.06 26.87 -10.44
C THR A 186 14.52 25.83 -11.41
N GLY A 187 13.44 26.16 -12.11
CA GLY A 187 12.81 25.22 -12.99
C GLY A 187 11.42 25.63 -13.41
N THR A 188 10.81 24.74 -14.18
CA THR A 188 9.45 24.91 -14.64
C THR A 188 8.78 23.57 -14.55
N ALA A 189 7.50 23.64 -14.20
CA ALA A 189 6.71 22.49 -13.87
C ALA A 189 5.29 22.60 -14.40
N TRP A 190 4.56 21.51 -14.22
CA TRP A 190 3.23 21.32 -14.74
C TRP A 190 2.43 20.55 -13.68
N LEU A 191 1.21 21.01 -13.40
CA LEU A 191 0.30 20.36 -12.44
C LEU A 191 -0.98 19.88 -13.17
N ASP A 192 -1.31 18.60 -13.08
CA ASP A 192 -2.59 18.07 -13.56
C ASP A 192 -3.45 17.84 -12.32
N ARG A 193 -4.71 18.15 -12.45
CA ARG A 193 -5.68 17.91 -11.39
C ARG A 193 -6.87 17.23 -12.09
N GLU A 194 -7.23 16.03 -11.62
CA GLU A 194 -8.23 15.20 -12.25
C GLU A 194 -9.01 14.49 -11.16
N TRP A 195 -10.33 14.42 -11.29
CA TRP A 195 -11.15 13.61 -10.38
C TRP A 195 -12.29 12.98 -11.16
N SER A 196 -12.75 11.82 -10.69
CA SER A 196 -13.82 11.07 -11.34
C SER A 196 -14.45 9.99 -10.45
N SER A 197 -15.60 9.45 -10.82
N SER A 197 -15.58 9.48 -10.95
CA SER A 197 -16.11 8.29 -10.06
CA SER A 197 -16.37 8.40 -10.36
C SER A 197 -16.01 6.99 -10.89
C SER A 197 -15.95 7.02 -10.86
N GLU A 198 -15.19 6.99 -11.94
CA GLU A 198 -14.97 5.76 -12.70
C GLU A 198 -13.51 5.71 -13.15
N TYR A 199 -12.85 4.54 -12.95
CA TYR A 199 -11.50 4.37 -13.53
C TYR A 199 -11.64 4.15 -15.04
N LEU A 200 -10.53 4.23 -15.81
CA LEU A 200 -10.52 3.79 -17.20
C LEU A 200 -11.10 2.39 -17.34
N ASP A 201 -11.74 2.11 -18.48
CA ASP A 201 -12.27 0.77 -18.81
C ASP A 201 -11.20 -0.26 -18.56
N PRO A 202 -11.62 -1.45 -18.14
CA PRO A 202 -10.62 -2.43 -17.69
C PRO A 202 -10.11 -3.28 -18.89
N ASN A 203 -10.62 -3.00 -20.09
CA ASN A 203 -10.01 -3.47 -21.34
C ASN A 203 -8.82 -2.65 -21.77
N ALA A 204 -8.55 -1.59 -21.01
CA ALA A 204 -7.38 -0.76 -21.25
C ALA A 204 -6.16 -1.46 -20.69
N ALA A 205 -5.14 -1.63 -21.49
CA ALA A 205 -3.84 -2.12 -20.99
C ALA A 205 -3.16 -1.04 -20.20
N GLY A 206 -3.42 0.24 -20.57
CA GLY A 206 -2.71 1.34 -19.99
C GLY A 206 -2.83 2.65 -20.75
N TRP A 207 -2.04 3.62 -20.36
CA TRP A 207 -2.05 4.90 -21.08
C TRP A 207 -0.66 5.42 -21.40
N ASP A 208 -0.60 6.33 -22.36
CA ASP A 208 0.57 7.14 -22.59
C ASP A 208 0.08 8.56 -22.47
N TRP A 209 0.85 9.38 -21.75
CA TRP A 209 0.52 10.77 -21.47
C TRP A 209 1.76 11.60 -21.66
N ILE A 210 1.59 12.79 -22.25
CA ILE A 210 2.67 13.74 -22.36
C ILE A 210 2.15 15.10 -21.98
N SER A 211 2.99 15.96 -21.41
CA SER A 211 2.68 17.42 -21.44
C SER A 211 3.95 18.21 -21.65
N ALA A 212 3.82 19.43 -22.17
CA ALA A 212 4.95 20.25 -22.59
C ALA A 212 4.73 21.71 -22.30
N ASN A 213 5.74 22.28 -21.66
CA ASN A 213 5.88 23.69 -21.40
C ASN A 213 6.69 24.17 -22.57
N LEU A 214 6.03 24.82 -23.52
CA LEU A 214 6.71 25.23 -24.73
C LEU A 214 7.32 26.62 -24.50
N ASP A 215 8.43 26.85 -25.20
CA ASP A 215 9.29 27.96 -24.99
C ASP A 215 8.58 29.27 -25.27
N ASP A 216 7.67 29.26 -26.24
CA ASP A 216 6.97 30.47 -26.58
C ASP A 216 5.84 30.76 -25.62
N GLY A 217 5.61 29.89 -24.63
CA GLY A 217 4.51 30.13 -23.69
C GLY A 217 3.33 29.21 -23.83
N SER A 218 3.26 28.56 -24.99
CA SER A 218 2.26 27.54 -25.27
C SER A 218 2.36 26.35 -24.33
N ALA A 219 1.28 25.62 -24.21
CA ALA A 219 1.16 24.49 -23.29
C ALA A 219 0.48 23.38 -24.10
N LEU A 220 1.02 22.16 -24.01
CA LEU A 220 0.51 21.02 -24.72
C LEU A 220 0.30 19.86 -23.79
N ALA A 222 -1.30 15.67 -24.09
CA ALA A 222 -1.98 14.70 -24.93
C ALA A 222 -1.92 13.38 -24.25
N PHE A 223 -2.80 12.48 -24.65
CA PHE A 223 -2.77 11.11 -24.15
C PHE A 223 -3.48 10.15 -25.11
N GLN A 224 -3.21 8.85 -24.94
CA GLN A 224 -3.99 7.83 -25.57
C GLN A 224 -4.19 6.73 -24.56
N ILE A 225 -5.31 6.03 -24.71
CA ILE A 225 -5.63 4.83 -23.94
C ILE A 225 -5.42 3.63 -24.84
N ARG A 226 -4.53 2.72 -24.44
CA ARG A 226 -4.20 1.53 -25.20
C ARG A 226 -5.04 0.34 -24.79
N GLY A 227 -5.67 -0.29 -25.77
CA GLY A 227 -6.41 -1.54 -25.57
C GLY A 227 -5.43 -2.70 -25.42
N LYS A 228 -5.88 -3.74 -24.76
CA LYS A 228 -5.10 -4.95 -24.62
C LYS A 228 -4.87 -5.61 -25.99
N ASP A 229 -5.72 -5.28 -26.94
CA ASP A 229 -5.59 -5.78 -28.31
C ASP A 229 -4.83 -4.80 -29.20
N ASP A 230 -4.23 -3.81 -28.56
CA ASP A 230 -3.40 -2.84 -29.25
C ASP A 230 -4.17 -1.93 -30.15
N SER A 231 -5.48 -1.86 -29.96
CA SER A 231 -6.33 -0.77 -30.45
C SER A 231 -6.18 0.48 -29.62
N LYS A 232 -6.62 1.59 -30.22
CA LYS A 232 -6.59 2.87 -29.57
C LYS A 232 -7.97 3.07 -28.97
N ILE A 233 -8.12 2.77 -27.67
CA ILE A 233 -9.43 2.95 -27.03
C ILE A 233 -9.92 4.44 -27.07
N TRP A 234 -9.01 5.37 -26.80
CA TRP A 234 -9.32 6.78 -26.85
C TRP A 234 -8.05 7.60 -26.99
N ALA A 235 -8.17 8.83 -27.46
CA ALA A 235 -7.03 9.71 -27.45
C ALA A 235 -7.51 11.14 -27.41
N TYR A 236 -6.60 12.01 -26.98
CA TYR A 236 -6.94 13.41 -26.72
C TYR A 236 -5.71 14.31 -26.84
N ALA A 237 -5.90 15.56 -27.26
CA ALA A 237 -4.83 16.56 -27.07
C ALA A 237 -5.42 17.93 -27.06
N ALA A 238 -4.64 18.82 -26.47
CA ALA A 238 -5.02 20.21 -26.31
C ALA A 238 -3.73 21.00 -26.39
N LEU A 239 -3.72 21.99 -27.28
CA LEU A 239 -2.66 23.02 -27.35
C LEU A 239 -3.23 24.42 -27.08
N ARG A 240 -2.74 25.04 -26.03
CA ARG A 240 -3.05 26.43 -25.79
C ARG A 240 -1.86 27.25 -26.32
N ASP A 241 -2.12 28.07 -27.35
CA ASP A 241 -1.06 28.80 -27.99
C ASP A 241 -0.73 30.10 -27.23
N ALA A 242 0.24 30.84 -27.73
CA ALA A 242 0.72 32.05 -27.07
C ALA A 242 -0.33 33.19 -27.06
N SER A 243 -1.31 33.11 -27.96
CA SER A 243 -2.46 34.04 -27.89
C SER A 243 -3.47 33.63 -26.79
N GLY A 244 -3.26 32.46 -26.18
CA GLY A 244 -4.16 31.97 -25.16
C GLY A 244 -5.36 31.17 -25.70
N HIS A 245 -5.35 30.92 -27.00
CA HIS A 245 -6.39 30.09 -27.63
C HIS A 245 -6.05 28.61 -27.42
N THR A 246 -7.04 27.82 -26.97
CA THR A 246 -6.87 26.38 -26.84
C THR A 246 -7.50 25.66 -28.05
N ARG A 247 -6.72 24.83 -28.73
CA ARG A 247 -7.23 23.97 -29.77
C ARG A 247 -7.36 22.59 -29.21
N LEU A 248 -8.53 21.97 -29.43
CA LEU A 248 -8.76 20.57 -29.01
C LEU A 248 -8.75 19.57 -30.16
N PHE A 249 -8.22 18.38 -29.88
CA PHE A 249 -8.10 17.33 -30.86
C PHE A 249 -8.93 16.13 -30.45
N THR A 250 -9.66 15.58 -31.42
CA THR A 250 -10.50 14.40 -31.21
C THR A 250 -9.66 13.11 -31.27
N PRO A 251 -10.25 11.97 -30.84
CA PRO A 251 -9.34 10.80 -30.90
C PRO A 251 -8.73 10.49 -32.27
N ASP A 252 -9.53 10.74 -33.31
N ASP A 252 -9.49 10.73 -33.35
CA ASP A 252 -9.12 10.59 -34.72
CA ASP A 252 -9.00 10.43 -34.69
C ASP A 252 -7.87 11.35 -35.12
C ASP A 252 -7.91 11.40 -35.19
N GLN A 253 -7.62 12.47 -34.45
CA GLN A 253 -6.57 13.43 -34.81
C GLN A 253 -5.28 13.28 -33.99
N VAL A 254 -5.23 12.30 -33.09
CA VAL A 254 -4.10 12.12 -32.18
C VAL A 254 -3.60 10.71 -32.35
N SER A 255 -2.31 10.58 -32.62
CA SER A 255 -1.72 9.26 -32.70
C SER A 255 -0.23 9.30 -32.30
N PHE A 256 0.26 8.14 -31.88
CA PHE A 256 1.60 7.87 -31.35
C PHE A 256 2.38 6.89 -32.23
N HIS A 257 3.66 7.22 -32.42
CA HIS A 257 4.51 6.60 -33.43
C HIS A 257 5.95 6.49 -32.88
N PRO A 258 6.23 5.41 -32.16
CA PRO A 258 7.57 5.13 -31.62
C PRO A 258 8.72 5.36 -32.61
N ILE A 259 9.80 5.93 -32.11
CA ILE A 259 11.03 6.23 -32.84
C ILE A 259 12.06 5.23 -32.32
N ARG A 260 12.02 4.94 -31.03
CA ARG A 260 13.04 4.07 -30.38
C ARG A 260 12.51 3.50 -29.07
N THR A 261 12.74 2.19 -28.87
CA THR A 261 12.32 1.47 -27.69
C THR A 261 13.47 1.08 -26.78
N TRP A 262 13.18 1.03 -25.48
CA TRP A 262 14.09 0.62 -24.45
C TRP A 262 13.41 -0.46 -23.61
N ARG A 263 14.19 -1.51 -23.34
CA ARG A 263 13.83 -2.64 -22.49
C ARG A 263 14.49 -2.57 -21.10
N SER A 264 13.65 -2.62 -20.08
CA SER A 264 14.07 -2.58 -18.70
C SER A 264 14.63 -3.92 -18.34
N ALA A 265 15.84 -3.92 -17.80
CA ALA A 265 16.41 -5.15 -17.28
C ALA A 265 15.74 -5.55 -15.94
N ARG A 266 15.07 -4.61 -15.25
CA ARG A 266 14.41 -4.94 -13.98
C ARG A 266 13.09 -5.67 -14.23
N THR A 267 12.27 -5.17 -15.16
CA THR A 267 10.91 -5.71 -15.37
C THR A 267 10.66 -6.43 -16.72
N GLN A 268 11.65 -6.35 -17.61
CA GLN A 268 11.51 -6.83 -18.98
C GLN A 268 10.51 -6.07 -19.81
N ALA A 269 10.00 -4.95 -19.34
CA ALA A 269 9.07 -4.19 -20.14
C ALA A 269 9.81 -3.41 -21.21
N VAL A 270 9.11 -3.19 -22.33
CA VAL A 270 9.65 -2.52 -23.50
C VAL A 270 8.81 -1.26 -23.74
N TYR A 271 9.46 -0.10 -23.62
CA TYR A 271 8.85 1.23 -23.71
C TYR A 271 9.31 2.02 -24.92
N PRO A 272 8.38 2.77 -25.53
CA PRO A 272 8.69 3.74 -26.54
C PRO A 272 9.18 5.05 -25.92
N VAL A 273 10.44 5.01 -25.47
CA VAL A 273 11.02 6.18 -24.81
C VAL A 273 11.21 7.42 -25.71
N ALA A 274 11.31 7.19 -27.00
CA ALA A 274 11.37 8.22 -28.02
C ALA A 274 10.25 7.97 -28.98
N THR A 275 9.49 9.00 -29.27
CA THR A 275 8.32 8.84 -30.07
C THR A 275 7.96 10.14 -30.76
N ARG A 276 7.14 10.00 -31.79
CA ARG A 276 6.55 11.10 -32.58
C ARG A 276 5.05 11.10 -32.28
N VAL A 277 4.50 12.25 -31.93
CA VAL A 277 3.09 12.33 -31.62
C VAL A 277 2.48 13.33 -32.62
N LEU A 278 1.41 12.93 -33.30
CA LEU A 278 0.73 13.71 -34.28
C LEU A 278 -0.53 14.24 -33.67
N THR A 279 -0.71 15.56 -33.68
CA THR A 279 -1.95 16.21 -33.28
C THR A 279 -2.44 16.97 -34.48
N GLY A 280 -3.40 16.41 -35.19
CA GLY A 280 -3.74 17.01 -36.50
C GLY A 280 -2.59 16.89 -37.50
N GLU A 281 -2.18 18.00 -38.10
CA GLU A 281 -1.02 17.99 -39.01
C GLU A 281 0.31 18.36 -38.34
N THR A 282 0.32 18.50 -37.03
CA THR A 282 1.51 18.90 -36.31
C THR A 282 2.19 17.68 -35.73
N GLU A 283 3.51 17.59 -35.97
CA GLU A 283 4.31 16.47 -35.49
C GLU A 283 5.25 16.88 -34.36
N TRP A 284 5.07 16.27 -33.20
CA TRP A 284 5.91 16.54 -32.01
C TRP A 284 6.84 15.36 -31.85
N GLN A 285 8.11 15.63 -31.65
CA GLN A 285 9.06 14.58 -31.36
C GLN A 285 9.59 14.73 -29.94
N ILE A 286 9.56 13.58 -29.29
CA ILE A 286 9.84 13.39 -27.88
C ILE A 286 11.15 12.61 -27.70
N THR A 287 12.15 13.26 -27.07
CA THR A 287 13.43 12.67 -26.76
C THR A 287 13.60 12.62 -25.23
N PRO A 288 13.93 11.43 -24.71
CA PRO A 288 14.07 11.23 -23.26
C PRO A 288 15.37 11.80 -22.69
N LEU A 289 15.32 12.34 -21.47
CA LEU A 289 16.58 12.83 -20.83
C LEU A 289 17.52 11.67 -20.59
N ASP A 291 17.05 7.08 -20.68
CA ASP A 291 16.19 5.97 -21.04
C ASP A 291 15.54 5.30 -19.84
N ASP A 292 16.33 5.05 -18.81
CA ASP A 292 15.78 4.33 -17.68
C ASP A 292 15.09 5.30 -16.69
N GLN A 293 13.82 5.59 -16.96
CA GLN A 293 13.01 6.41 -16.06
C GLN A 293 11.81 5.60 -15.55
N GLU A 294 12.05 4.30 -15.34
CA GLU A 294 11.03 3.37 -14.86
C GLU A 294 10.90 3.40 -13.34
N LEU A 295 9.65 3.43 -12.88
CA LEU A 295 9.34 3.55 -11.46
C LEU A 295 8.43 2.42 -11.05
N ASP A 296 9.01 1.46 -10.33
CA ASP A 296 8.26 0.29 -9.83
C ASP A 296 7.76 0.56 -8.40
N SER A 297 6.47 0.84 -8.27
CA SER A 297 5.83 1.08 -6.96
C SER A 297 4.86 -0.06 -6.61
N ARG A 298 5.06 -1.26 -7.19
CA ARG A 298 4.13 -2.36 -6.95
C ARG A 298 4.03 -2.77 -5.48
N ALA A 299 5.13 -2.63 -4.74
CA ALA A 299 5.16 -3.00 -3.31
C ALA A 299 4.63 -1.94 -2.37
N SER A 300 4.14 -0.84 -2.94
CA SER A 300 3.31 0.13 -2.24
C SER A 300 1.96 0.27 -2.92
N ALA A 301 1.44 -0.86 -3.38
CA ALA A 301 0.10 -0.97 -3.99
C ALA A 301 0.00 -0.23 -5.29
N GLY A 302 1.14 0.04 -5.92
CA GLY A 302 1.17 0.77 -7.19
C GLY A 302 1.35 -0.17 -8.37
N ALA A 303 2.17 0.28 -9.31
CA ALA A 303 2.38 -0.43 -10.56
C ALA A 303 3.73 0.03 -11.16
N VAL A 304 4.07 -0.46 -12.33
CA VAL A 304 5.33 -0.11 -12.97
C VAL A 304 4.98 0.96 -14.03
N TYR A 305 5.47 2.16 -13.77
CA TYR A 305 5.26 3.39 -14.60
C TYR A 305 6.59 3.82 -15.13
N TRP A 306 6.59 4.38 -16.34
CA TRP A 306 7.74 5.12 -16.82
C TRP A 306 7.42 6.59 -16.63
N GLU A 307 8.18 7.29 -15.79
CA GLU A 307 7.93 8.69 -15.44
C GLU A 307 9.17 9.48 -15.88
N GLY A 308 9.19 9.97 -17.11
CA GLY A 308 10.45 10.46 -17.67
C GLY A 308 10.32 11.88 -18.14
N ALA A 309 11.32 12.65 -17.78
CA ALA A 309 11.55 13.96 -18.30
C ALA A 309 11.97 13.80 -19.75
N VAL A 310 11.33 14.57 -20.63
CA VAL A 310 11.55 14.57 -22.07
C VAL A 310 11.63 15.97 -22.67
N THR A 311 12.36 16.09 -23.80
N THR A 311 12.26 16.05 -23.84
CA THR A 311 12.40 17.32 -24.60
CA THR A 311 12.36 17.29 -24.60
C THR A 311 11.54 17.14 -25.85
C THR A 311 11.58 17.15 -25.90
N PHE A 312 10.89 18.21 -26.27
CA PHE A 312 10.05 18.25 -27.46
C PHE A 312 10.59 19.13 -28.57
N THR A 313 10.47 18.64 -29.81
CA THR A 313 10.63 19.45 -31.00
C THR A 313 9.27 19.52 -31.70
N ARG A 314 9.04 20.56 -32.50
CA ARG A 314 7.77 20.71 -33.21
C ARG A 314 8.03 20.99 -34.65
N ASP A 315 7.33 20.26 -35.51
CA ASP A 315 7.67 20.12 -36.93
C ASP A 315 9.19 20.32 -37.11
N GLY A 316 9.98 19.53 -36.37
CA GLY A 316 11.44 19.50 -36.53
C GLY A 316 12.27 20.59 -35.85
N GLN A 317 11.63 21.53 -35.14
CA GLN A 317 12.35 22.62 -34.43
C GLN A 317 12.25 22.47 -32.90
N PRO A 318 13.24 22.94 -32.14
CA PRO A 318 13.17 22.92 -30.67
C PRO A 318 11.94 23.67 -30.15
N ALA A 319 11.20 23.09 -29.21
CA ALA A 319 9.90 23.65 -28.83
C ALA A 319 9.68 23.80 -27.34
N GLY A 320 10.15 22.83 -26.55
CA GLY A 320 10.08 22.90 -25.11
C GLY A 320 10.43 21.59 -24.39
N ARG A 321 9.97 21.50 -23.13
CA ARG A 321 10.35 20.45 -22.20
C ARG A 321 9.15 20.04 -21.41
N GLY A 322 9.15 18.79 -20.96
CA GLY A 322 8.03 18.30 -20.20
C GLY A 322 8.28 16.88 -19.72
N TYR A 323 7.19 16.14 -19.59
CA TYR A 323 7.20 14.75 -19.12
C TYR A 323 6.37 13.85 -20.02
N GLU A 325 4.54 9.94 -19.42
CA GLU A 325 4.21 8.88 -18.50
C GLU A 325 3.61 7.78 -19.31
N LEU A 326 4.12 6.57 -19.09
CA LEU A 326 3.72 5.38 -19.82
C LEU A 326 3.32 4.33 -18.78
N THR A 327 2.11 3.77 -18.87
CA THR A 327 1.69 2.74 -17.96
C THR A 327 1.27 1.45 -18.71
N GLY A 328 1.30 0.30 -18.03
CA GLY A 328 0.69 -0.91 -18.56
C GLY A 328 1.54 -1.66 -19.57
N TYR A 329 2.84 -1.46 -19.47
CA TYR A 329 3.83 -2.14 -20.33
C TYR A 329 4.46 -3.43 -19.71
N VAL A 330 4.22 -3.74 -18.46
CA VAL A 330 4.73 -5.01 -17.93
C VAL A 330 3.93 -6.25 -18.40
N LEU B 3 -19.87 -12.66 -3.27
CA LEU B 3 -19.57 -11.78 -2.10
C LEU B 3 -19.74 -12.59 -0.80
N ALA B 4 -18.93 -13.64 -0.59
CA ALA B 4 -19.33 -14.81 0.22
C ALA B 4 -19.48 -14.58 1.74
N PRO B 5 -20.66 -14.94 2.33
CA PRO B 5 -20.88 -14.77 3.77
C PRO B 5 -20.50 -15.98 4.66
N VAL B 6 -20.25 -15.67 5.93
CA VAL B 6 -19.82 -16.63 6.93
C VAL B 6 -21.05 -17.23 7.61
N VAL B 7 -21.26 -18.54 7.46
CA VAL B 7 -22.54 -19.11 7.91
C VAL B 7 -22.30 -20.28 8.84
N PRO B 8 -23.02 -20.33 9.97
CA PRO B 8 -22.89 -21.41 10.92
C PRO B 8 -23.49 -22.69 10.37
N GLY B 9 -23.15 -23.82 10.98
CA GLY B 9 -23.55 -25.14 10.46
C GLY B 9 -22.81 -25.65 9.19
N LYS B 10 -21.83 -24.92 8.68
CA LYS B 10 -21.09 -25.39 7.50
C LYS B 10 -19.72 -25.77 7.97
N ALA B 11 -19.41 -27.06 7.97
CA ALA B 11 -18.13 -27.51 8.43
C ALA B 11 -17.04 -27.15 7.43
N LEU B 12 -15.88 -26.85 7.98
CA LEU B 12 -14.68 -26.71 7.20
C LEU B 12 -14.28 -28.06 6.65
N GLU B 13 -13.69 -28.05 5.46
CA GLU B 13 -13.25 -29.27 4.79
C GLU B 13 -11.79 -29.11 4.41
N PHE B 14 -11.01 -30.13 4.70
CA PHE B 14 -9.58 -30.13 4.41
C PHE B 14 -9.20 -31.30 3.50
N PRO B 15 -8.25 -31.07 2.59
CA PRO B 15 -7.36 -29.94 2.48
C PRO B 15 -7.88 -28.70 1.73
N GLN B 16 -9.10 -28.68 1.24
CA GLN B 16 -9.59 -27.51 0.50
C GLN B 16 -9.35 -26.24 1.30
N ASP B 17 -9.65 -26.29 2.60
CA ASP B 17 -9.62 -25.09 3.39
C ASP B 17 -8.24 -24.73 3.86
N PHE B 18 -7.20 -25.49 3.47
CA PHE B 18 -5.84 -24.93 3.56
C PHE B 18 -5.61 -23.77 2.59
N GLY B 19 -6.25 -23.81 1.43
CA GLY B 19 -5.96 -22.81 0.41
C GLY B 19 -6.70 -21.50 0.61
N ALA B 20 -6.38 -20.54 -0.25
CA ALA B 20 -7.09 -19.26 -0.26
C ALA B 20 -8.57 -19.39 -0.58
N HIS B 21 -9.32 -18.45 -0.03
CA HIS B 21 -10.75 -18.35 -0.16
C HIS B 21 -11.01 -16.98 -0.82
N ASN B 22 -10.72 -16.92 -2.12
CA ASN B 22 -10.70 -15.64 -2.86
C ASN B 22 -12.09 -15.08 -3.11
N ASP B 23 -13.11 -15.90 -2.91
CA ASP B 23 -14.53 -15.47 -2.88
C ASP B 23 -14.90 -14.68 -1.62
N PHE B 24 -14.07 -14.72 -0.57
CA PHE B 24 -14.34 -13.93 0.59
C PHE B 24 -13.60 -12.64 0.56
N ARG B 25 -14.13 -11.68 1.31
CA ARG B 25 -13.57 -10.34 1.29
C ARG B 25 -12.23 -10.20 1.99
N ILE B 26 -12.07 -10.89 3.13
CA ILE B 26 -10.94 -10.73 4.00
C ILE B 26 -10.35 -12.10 4.28
N GLU B 27 -9.01 -12.24 4.19
CA GLU B 27 -8.35 -13.44 4.65
C GLU B 27 -7.02 -13.13 5.29
N TRP B 28 -6.68 -13.90 6.34
CA TRP B 28 -5.43 -13.77 7.08
C TRP B 28 -4.60 -15.03 7.14
N TRP B 29 -3.28 -14.83 7.08
CA TRP B 29 -2.30 -15.84 7.31
C TRP B 29 -1.36 -15.22 8.34
N TYR B 30 -1.40 -15.71 9.59
CA TYR B 30 -0.67 -15.06 10.71
C TYR B 30 0.17 -16.12 11.46
N VAL B 31 1.48 -15.96 11.33
CA VAL B 31 2.48 -16.87 11.89
C VAL B 31 3.21 -16.10 13.03
N THR B 32 3.32 -16.76 14.18
CA THR B 32 4.04 -16.25 15.32
C THR B 32 4.87 -17.35 15.86
N GLY B 33 6.07 -17.03 16.32
CA GLY B 33 6.87 -18.05 16.92
C GLY B 33 8.06 -17.61 17.70
N TRP B 34 8.66 -18.58 18.39
CA TRP B 34 9.90 -18.36 19.12
C TRP B 34 10.99 -19.17 18.48
N LEU B 35 12.18 -18.58 18.33
CA LEU B 35 13.37 -19.28 17.82
C LEU B 35 14.38 -19.46 18.90
N GLU B 36 15.22 -20.51 18.80
CA GLU B 36 16.48 -20.61 19.52
C GLU B 36 17.60 -20.61 18.49
N THR B 37 18.62 -19.79 18.71
CA THR B 37 19.86 -19.82 17.93
C THR B 37 20.72 -20.94 18.55
N PRO B 38 21.90 -21.28 17.96
CA PRO B 38 22.71 -22.37 18.48
C PRO B 38 23.14 -22.25 19.93
N THR B 39 23.24 -21.00 20.40
CA THR B 39 23.54 -20.66 21.80
C THR B 39 22.32 -20.82 22.72
N GLY B 40 21.17 -21.08 22.15
CA GLY B 40 19.91 -21.05 22.91
C GLY B 40 19.28 -19.70 23.09
N LYS B 41 19.97 -18.65 22.66
CA LYS B 41 19.37 -17.28 22.66
C LYS B 41 18.02 -17.30 21.97
N PRO B 42 17.00 -16.66 22.57
CA PRO B 42 15.72 -16.53 21.95
C PRO B 42 15.57 -15.31 20.97
N LEU B 43 14.85 -15.55 19.86
CA LEU B 43 14.29 -14.52 18.96
C LEU B 43 12.82 -14.85 18.77
N GLY B 44 11.95 -13.83 18.80
CA GLY B 44 10.57 -13.97 18.35
C GLY B 44 10.49 -13.54 16.88
N PHE B 45 9.56 -14.10 16.16
CA PHE B 45 9.25 -13.58 14.83
C PHE B 45 7.77 -13.65 14.59
N GLN B 46 7.29 -12.82 13.65
CA GLN B 46 5.97 -12.99 13.13
C GLN B 46 5.93 -12.65 11.68
N ILE B 47 5.00 -13.31 10.96
CA ILE B 47 4.71 -13.05 9.52
C ILE B 47 3.20 -12.92 9.36
N THR B 48 2.78 -11.83 8.74
CA THR B 48 1.37 -11.58 8.48
C THR B 48 1.21 -11.33 6.99
N PHE B 49 0.30 -12.09 6.34
CA PHE B 49 -0.29 -11.73 5.04
C PHE B 49 -1.80 -11.55 5.27
N PHE B 50 -2.35 -10.49 4.69
CA PHE B 50 -3.75 -10.07 4.85
C PHE B 50 -4.26 -9.62 3.48
N ARG B 51 -5.33 -10.28 3.03
CA ARG B 51 -5.97 -9.97 1.79
C ARG B 51 -7.30 -9.32 2.02
N THR B 52 -7.57 -8.27 1.24
CA THR B 52 -8.86 -7.60 1.30
C THR B 52 -9.25 -7.09 -0.09
N ALA B 53 -10.54 -6.82 -0.27
CA ALA B 53 -11.09 -6.44 -1.58
C ALA B 53 -11.36 -4.94 -1.63
N ASN B 60 -11.59 -7.79 -16.33
CA ASN B 60 -11.63 -7.95 -14.88
C ASN B 60 -10.82 -6.84 -14.17
N PRO B 61 -9.49 -7.06 -13.92
CA PRO B 61 -8.82 -6.18 -12.95
C PRO B 61 -8.23 -4.93 -13.62
N SER B 62 -7.76 -3.98 -12.79
CA SER B 62 -7.09 -2.80 -13.29
C SER B 62 -5.56 -3.01 -13.42
N HIS B 63 -4.97 -2.41 -14.46
CA HIS B 63 -3.51 -2.46 -14.67
C HIS B 63 -2.70 -1.65 -13.62
N PHE B 64 -3.45 -0.84 -12.86
CA PHE B 64 -2.93 0.13 -11.85
C PHE B 64 -3.79 0.30 -10.56
N ALA B 65 -5.14 0.31 -10.70
CA ALA B 65 -6.12 0.57 -9.59
C ALA B 65 -6.11 -0.47 -8.46
N PRO B 66 -6.07 -0.01 -7.18
CA PRO B 66 -5.99 -0.91 -5.99
C PRO B 66 -7.30 -1.66 -5.59
N ASP B 67 -7.72 -2.61 -6.45
CA ASP B 67 -9.00 -3.36 -6.33
C ASP B 67 -9.00 -4.43 -5.23
N GLN B 68 -8.17 -5.50 -5.39
CA GLN B 68 -7.86 -6.45 -4.28
C GLN B 68 -6.43 -6.23 -3.81
N LEU B 69 -6.19 -6.37 -2.50
CA LEU B 69 -4.91 -6.08 -1.91
C LEU B 69 -4.37 -7.20 -1.05
N ILE B 70 -3.07 -7.47 -1.20
CA ILE B 70 -2.35 -8.27 -0.22
C ILE B 70 -1.44 -7.34 0.55
N ILE B 71 -1.66 -7.33 1.84
CA ILE B 71 -0.87 -6.57 2.77
C ILE B 71 -0.03 -7.52 3.62
N ALA B 72 1.26 -7.24 3.72
CA ALA B 72 2.13 -8.14 4.46
C ALA B 72 3.04 -7.36 5.39
N HIS B 73 3.33 -7.97 6.53
CA HIS B 73 4.43 -7.47 7.37
C HIS B 73 5.18 -8.60 8.07
N VAL B 74 6.40 -8.27 8.47
CA VAL B 74 7.26 -9.24 9.13
C VAL B 74 8.06 -8.54 10.24
N ALA B 75 8.34 -9.28 11.31
CA ALA B 75 9.18 -8.75 12.38
C ALA B 75 10.01 -9.75 13.06
N LEU B 76 11.15 -9.26 13.54
CA LEU B 76 12.06 -10.02 14.37
C LEU B 76 12.25 -9.32 15.68
N SER B 77 12.00 -10.02 16.77
CA SER B 77 12.22 -9.50 18.12
C SER B 77 13.44 -10.13 18.74
N ASP B 78 14.47 -9.31 18.92
CA ASP B 78 15.72 -9.68 19.53
C ASP B 78 15.91 -8.85 20.81
N PRO B 79 15.98 -9.52 21.98
CA PRO B 79 16.16 -8.69 23.20
C PRO B 79 17.46 -7.89 23.24
N ALA B 80 18.50 -8.31 22.51
CA ALA B 80 19.73 -7.48 22.42
C ALA B 80 19.47 -6.15 21.72
N ILE B 81 18.50 -6.12 20.82
CA ILE B 81 18.22 -4.91 20.03
C ILE B 81 17.24 -4.04 20.78
N GLY B 82 16.21 -4.63 21.35
CA GLY B 82 15.29 -3.88 22.21
C GLY B 82 14.11 -3.19 21.52
N LYS B 83 14.07 -3.27 20.18
CA LYS B 83 12.93 -2.83 19.41
C LYS B 83 12.87 -3.76 18.22
N LEU B 84 11.69 -3.84 17.61
CA LEU B 84 11.54 -4.69 16.43
C LEU B 84 12.45 -4.31 15.28
N GLN B 85 12.95 -5.31 14.60
CA GLN B 85 13.34 -5.12 13.20
C GLN B 85 12.14 -5.59 12.40
N HIS B 86 11.73 -4.77 11.44
CA HIS B 86 10.50 -5.06 10.73
C HIS B 86 10.48 -4.55 9.30
N ASP B 87 9.50 -5.01 8.55
CA ASP B 87 9.35 -4.59 7.19
C ASP B 87 7.89 -4.87 6.79
N GLN B 88 7.42 -4.11 5.82
CA GLN B 88 6.04 -4.11 5.41
C GLN B 88 5.91 -3.76 3.91
N LYS B 89 5.03 -4.49 3.22
CA LYS B 89 4.75 -4.33 1.80
C LYS B 89 3.26 -4.40 1.58
N ILE B 90 2.81 -3.83 0.46
CA ILE B 90 1.46 -4.05 0.00
C ILE B 90 1.43 -4.01 -1.52
N ALA B 91 0.61 -4.90 -2.09
CA ALA B 91 0.53 -5.05 -3.52
C ALA B 91 -0.89 -5.38 -3.95
N ARG B 92 -1.23 -4.88 -5.13
CA ARG B 92 -2.47 -5.21 -5.83
C ARG B 92 -2.39 -6.68 -6.24
N ALA B 93 -3.50 -7.38 -6.03
CA ALA B 93 -3.56 -8.78 -6.33
C ALA B 93 -4.64 -9.01 -7.37
N GLY B 94 -4.58 -10.18 -8.00
CA GLY B 94 -5.49 -10.50 -9.12
C GLY B 94 -5.05 -10.03 -10.51
N PHE B 95 -3.94 -9.31 -10.61
CA PHE B 95 -3.50 -8.75 -11.88
C PHE B 95 -2.27 -9.49 -12.42
N ASP B 96 -1.22 -9.56 -11.61
CA ASP B 96 -0.02 -10.29 -11.99
C ASP B 96 0.19 -11.38 -10.94
N LEU B 97 -0.42 -12.53 -11.20
CA LEU B 97 -0.40 -13.62 -10.26
C LEU B 97 1.02 -14.05 -9.94
N ALA B 98 1.95 -13.86 -10.88
CA ALA B 98 3.37 -14.12 -10.62
C ALA B 98 3.96 -13.14 -9.56
N TYR B 99 3.47 -11.91 -9.51
CA TYR B 99 4.00 -10.91 -8.55
C TYR B 99 3.38 -11.04 -7.14
N ALA B 100 2.06 -11.07 -7.09
CA ALA B 100 1.37 -11.23 -5.82
C ALA B 100 0.06 -11.97 -6.05
N ARG B 101 -0.20 -12.94 -5.18
CA ARG B 101 -1.34 -13.82 -5.27
C ARG B 101 -1.66 -14.49 -3.96
N THR B 102 -2.94 -14.82 -3.76
CA THR B 102 -3.31 -15.81 -2.74
C THR B 102 -4.04 -16.93 -3.46
N GLY B 103 -3.45 -18.13 -3.44
CA GLY B 103 -3.86 -19.25 -4.28
C GLY B 103 -4.09 -20.53 -3.49
N ASN B 104 -4.26 -21.61 -4.22
CA ASN B 104 -4.50 -22.94 -3.62
C ASN B 104 -3.43 -23.40 -2.65
N THR B 105 -2.19 -23.08 -2.96
CA THR B 105 -1.04 -23.59 -2.20
C THR B 105 -0.10 -22.53 -1.69
N ASP B 106 -0.13 -21.33 -2.21
CA ASP B 106 0.71 -20.33 -1.60
C ASP B 106 0.13 -18.93 -1.52
N VAL B 107 0.92 -18.11 -0.83
CA VAL B 107 0.66 -16.68 -0.70
C VAL B 107 1.97 -16.02 -1.08
N LYS B 108 1.90 -14.97 -1.91
CA LYS B 108 3.10 -14.34 -2.40
C LYS B 108 2.93 -12.82 -2.55
N LEU B 109 3.96 -12.10 -2.18
CA LEU B 109 3.96 -10.63 -2.36
C LEU B 109 5.39 -10.22 -2.71
N ASP B 110 5.60 -9.87 -3.99
CA ASP B 110 6.92 -9.65 -4.53
C ASP B 110 7.74 -10.94 -4.28
N ASP B 111 8.87 -10.87 -3.56
CA ASP B 111 9.66 -12.07 -3.27
C ASP B 111 9.26 -12.77 -2.02
N TRP B 112 8.39 -12.15 -1.23
CA TRP B 112 7.95 -12.76 0.02
C TRP B 112 6.97 -13.88 -0.29
N ILE B 113 7.21 -15.06 0.28
CA ILE B 113 6.38 -16.22 -0.08
C ILE B 113 6.18 -17.15 1.08
N PHE B 114 4.98 -17.73 1.12
CA PHE B 114 4.59 -18.62 2.18
C PHE B 114 3.75 -19.71 1.48
N VAL B 115 4.26 -20.95 1.50
CA VAL B 115 3.79 -22.02 0.65
C VAL B 115 3.42 -23.17 1.53
N ARG B 116 2.29 -23.82 1.28
CA ARG B 116 2.04 -25.09 1.95
C ARG B 116 2.32 -26.20 0.95
N GLU B 117 3.29 -27.07 1.31
CA GLU B 117 3.66 -28.23 0.46
C GLU B 117 2.62 -29.28 0.58
N THR B 118 2.64 -30.23 -0.34
CA THR B 118 1.64 -31.30 -0.30
C THR B 118 1.69 -32.15 0.99
N ASP B 119 2.88 -32.32 1.55
CA ASP B 119 2.96 -33.04 2.82
C ASP B 119 2.50 -32.29 4.08
N GLY B 120 2.04 -31.05 3.98
CA GLY B 120 1.56 -30.32 5.15
C GLY B 120 2.54 -29.30 5.72
N ARG B 121 3.83 -29.42 5.35
CA ARG B 121 4.81 -28.53 5.86
C ARG B 121 4.77 -27.21 5.11
N TYR B 122 4.92 -26.13 5.85
CA TYR B 122 4.99 -24.79 5.21
C TYR B 122 6.40 -24.41 4.97
N ARG B 123 6.66 -23.75 3.85
CA ARG B 123 7.97 -23.21 3.54
C ARG B 123 7.79 -21.72 3.33
N THR B 124 8.63 -20.91 3.99
CA THR B 124 8.56 -19.47 3.79
C THR B 124 9.91 -18.88 3.51
N ARG B 125 9.95 -17.88 2.65
CA ARG B 125 11.14 -17.10 2.51
C ARG B 125 10.74 -15.66 2.53
N ILE B 126 11.28 -14.89 3.50
CA ILE B 126 11.01 -13.51 3.68
C ILE B 126 12.37 -12.75 3.78
N GLU B 127 12.74 -12.12 2.69
CA GLU B 127 13.90 -11.29 2.64
C GLU B 127 13.48 -9.86 2.94
N ALA B 128 13.67 -9.48 4.20
CA ALA B 128 13.39 -8.16 4.72
C ALA B 128 14.64 -7.28 4.68
N GLU B 129 14.49 -6.02 5.03
CA GLU B 129 15.59 -5.08 4.94
C GLU B 129 16.79 -5.50 5.78
N ASP B 130 16.56 -5.91 7.02
CA ASP B 130 17.63 -6.21 7.96
C ASP B 130 17.89 -7.72 8.17
N PHE B 131 17.07 -8.56 7.59
CA PHE B 131 17.16 -9.96 7.89
C PHE B 131 16.41 -10.76 6.85
N THR B 132 16.80 -12.01 6.68
CA THR B 132 16.04 -12.95 5.86
C THR B 132 15.65 -14.16 6.71
N LEU B 133 14.38 -14.52 6.66
CA LEU B 133 13.88 -15.75 7.25
C LEU B 133 13.68 -16.81 6.14
N THR B 134 14.28 -17.98 6.32
CA THR B 134 14.03 -19.09 5.41
C THR B 134 13.72 -20.29 6.25
N PHE B 135 12.43 -20.55 6.49
CA PHE B 135 12.02 -21.54 7.46
C PHE B 135 11.17 -22.68 6.84
N ILE B 136 11.19 -23.83 7.49
CA ILE B 136 10.20 -24.89 7.26
C ILE B 136 9.42 -24.96 8.58
N LEU B 137 8.08 -24.92 8.47
CA LEU B 137 7.21 -25.11 9.64
C LEU B 137 6.47 -26.42 9.45
N THR B 138 6.73 -27.36 10.37
CA THR B 138 6.21 -28.71 10.25
C THR B 138 5.17 -28.93 11.34
N PRO B 139 3.93 -29.30 10.94
CA PRO B 139 2.94 -29.62 11.96
C PRO B 139 3.34 -30.79 12.85
N SER B 140 2.87 -30.76 14.08
CA SER B 140 3.10 -31.88 15.02
C SER B 140 1.79 -32.36 15.63
N GLN B 141 0.73 -31.57 15.52
CA GLN B 141 -0.62 -31.95 16.00
C GLN B 141 -1.65 -31.72 14.90
N PRO B 142 -2.88 -32.24 15.07
CA PRO B 142 -3.97 -31.93 14.16
C PRO B 142 -4.33 -30.47 14.26
N LEU B 143 -4.84 -29.89 13.20
CA LEU B 143 -5.17 -28.48 13.30
C LEU B 143 -6.25 -28.31 14.37
N LEU B 145 -9.62 -26.29 15.21
CA LEU B 145 -10.76 -25.46 14.82
C LEU B 145 -11.09 -24.49 15.93
N GLN B 146 -11.39 -23.25 15.59
CA GLN B 146 -11.81 -22.29 16.56
C GLN B 146 -13.33 -22.14 16.43
N GLY B 147 -13.92 -21.56 17.45
CA GLY B 147 -15.37 -21.48 17.62
C GLY B 147 -16.10 -22.83 17.52
N GLU B 148 -17.27 -22.80 16.89
CA GLU B 148 -18.09 -23.98 16.69
C GLU B 148 -17.72 -24.51 15.32
N ASN B 149 -16.84 -25.51 15.33
CA ASN B 149 -16.35 -26.16 14.15
C ASN B 149 -15.81 -25.24 13.09
N GLY B 150 -15.12 -24.17 13.50
CA GLY B 150 -14.56 -23.21 12.57
C GLY B 150 -15.37 -21.93 12.55
N PHE B 151 -16.63 -21.96 12.96
CA PHE B 151 -17.46 -20.77 12.99
C PHE B 151 -17.20 -19.96 14.26
N SER B 152 -16.57 -18.82 14.12
N SER B 152 -16.52 -18.84 14.13
CA SER B 152 -16.07 -18.05 15.25
CA SER B 152 -16.09 -18.05 15.27
C SER B 152 -16.59 -16.61 15.27
C SER B 152 -16.67 -16.63 15.25
N ARG B 153 -17.32 -16.24 16.33
CA ARG B 153 -17.91 -14.93 16.47
C ARG B 153 -16.89 -13.96 17.05
N LYS B 154 -16.96 -12.72 16.57
CA LYS B 154 -16.05 -11.64 17.00
C LYS B 154 -16.84 -10.39 17.40
N GLY B 155 -18.16 -10.47 17.50
CA GLY B 155 -18.95 -9.38 18.06
C GLY B 155 -20.34 -9.87 18.28
N PRO B 156 -21.23 -9.02 18.85
CA PRO B 156 -22.67 -9.36 19.04
C PRO B 156 -23.43 -9.43 17.70
N GLY B 157 -22.98 -8.64 16.74
CA GLY B 157 -23.58 -8.63 15.41
C GLY B 157 -23.63 -9.99 14.73
N ALA B 158 -24.69 -10.15 13.90
CA ALA B 158 -24.86 -11.33 13.06
C ALA B 158 -23.64 -11.51 12.13
N PRO B 159 -23.33 -10.45 11.34
CA PRO B 159 -22.19 -10.45 10.41
C PRO B 159 -20.83 -10.58 11.03
N GLN B 160 -20.72 -10.47 12.37
CA GLN B 160 -19.41 -10.39 13.02
C GLN B 160 -18.99 -11.81 13.35
N ALA B 161 -18.60 -12.50 12.30
CA ALA B 161 -18.04 -13.83 12.40
C ALA B 161 -17.03 -14.04 11.32
N SER B 162 -16.20 -15.07 11.53
CA SER B 162 -15.19 -15.50 10.61
C SER B 162 -15.20 -17.03 10.62
N TYR B 163 -14.61 -17.63 9.59
CA TYR B 163 -14.21 -19.01 9.64
C TYR B 163 -12.77 -18.94 10.09
N TYR B 164 -12.36 -19.87 10.95
CA TYR B 164 -11.14 -19.72 11.74
C TYR B 164 -10.58 -21.05 12.26
N TYR B 165 -9.34 -21.35 11.90
CA TYR B 165 -8.60 -22.46 12.53
C TYR B 165 -7.16 -22.03 12.76
N SER B 166 -6.41 -22.88 13.44
CA SER B 166 -5.04 -22.66 13.83
C SER B 166 -4.31 -23.96 13.69
N GLU B 167 -3.00 -23.85 13.43
CA GLU B 167 -2.05 -24.96 13.49
C GLU B 167 -1.04 -24.57 14.58
N PRO B 168 -1.26 -25.03 15.81
CA PRO B 168 -0.38 -24.84 16.93
C PRO B 168 0.78 -25.81 16.89
N HIS B 169 1.84 -25.52 17.64
CA HIS B 169 2.93 -26.46 17.84
C HIS B 169 3.61 -26.83 16.53
N LEU B 170 3.74 -25.83 15.68
CA LEU B 170 4.51 -26.00 14.46
C LEU B 170 5.99 -26.05 14.82
N GLN B 171 6.74 -26.98 14.26
CA GLN B 171 8.15 -27.12 14.59
C GLN B 171 8.94 -26.37 13.53
N VAL B 172 9.84 -25.48 13.98
CA VAL B 172 10.49 -24.55 13.08
C VAL B 172 11.91 -25.05 12.84
N SER B 173 12.33 -25.11 11.59
CA SER B 173 13.74 -25.32 11.23
C SER B 173 14.08 -24.33 10.15
N GLY B 174 15.36 -24.14 9.92
CA GLY B 174 15.81 -23.32 8.81
C GLY B 174 16.88 -22.39 9.28
N ILE B 175 16.93 -21.24 8.64
CA ILE B 175 18.08 -20.33 8.77
C ILE B 175 17.59 -18.90 8.81
N ILE B 176 18.30 -18.07 9.59
N ILE B 176 18.24 -18.07 9.63
CA ILE B 176 18.07 -16.64 9.57
CA ILE B 176 18.06 -16.62 9.56
C ILE B 176 19.39 -15.96 9.17
C ILE B 176 19.38 -16.02 9.10
N ASN B 177 19.30 -15.01 8.25
CA ASN B 177 20.47 -14.29 7.76
C ASN B 177 20.35 -12.86 8.27
N ARG B 178 21.33 -12.43 9.05
CA ARG B 178 21.36 -11.07 9.61
C ARG B 178 22.76 -10.58 9.35
N GLN B 179 22.92 -9.28 9.09
CA GLN B 179 24.25 -8.70 8.76
C GLN B 179 25.02 -9.57 7.78
N GLY B 180 24.31 -10.08 6.77
CA GLY B 180 24.93 -10.83 5.69
C GLY B 180 25.16 -12.33 5.92
N GLU B 181 25.25 -12.79 7.18
CA GLU B 181 25.61 -14.18 7.48
C GLU B 181 24.50 -15.04 8.12
N ASP B 182 24.57 -16.33 7.85
CA ASP B 182 23.48 -17.27 8.15
C ASP B 182 23.70 -17.84 9.54
N ILE B 183 22.65 -18.06 10.32
CA ILE B 183 22.73 -19.03 11.41
C ILE B 183 21.53 -19.94 11.41
N PRO B 184 21.74 -21.23 11.71
CA PRO B 184 20.60 -22.10 11.79
C PRO B 184 19.78 -21.91 13.06
N VAL B 185 18.48 -22.13 12.94
CA VAL B 185 17.56 -21.95 14.05
C VAL B 185 16.61 -23.10 14.16
N THR B 186 16.10 -23.31 15.37
CA THR B 186 15.02 -24.23 15.64
C THR B 186 14.03 -23.46 16.46
N GLY B 187 12.82 -23.99 16.64
CA GLY B 187 11.85 -23.33 17.51
C GLY B 187 10.48 -23.89 17.28
N THR B 188 9.46 -23.11 17.64
CA THR B 188 8.09 -23.58 17.61
C THR B 188 7.22 -22.38 17.22
N ALA B 189 6.22 -22.61 16.41
CA ALA B 189 5.40 -21.55 15.87
C ALA B 189 3.91 -21.86 15.91
N TRP B 190 3.13 -20.87 15.52
CA TRP B 190 1.66 -20.97 15.49
C TRP B 190 1.16 -20.27 14.24
N LEU B 191 0.25 -20.91 13.52
CA LEU B 191 -0.42 -20.34 12.37
C LEU B 191 -1.91 -20.19 12.59
N ASP B 192 -2.39 -18.96 12.37
CA ASP B 192 -3.80 -18.64 12.42
C ASP B 192 -4.27 -18.44 10.95
N ARG B 193 -5.40 -19.06 10.63
CA ARG B 193 -6.06 -18.92 9.33
C ARG B 193 -7.50 -18.47 9.57
N GLU B 194 -7.84 -17.34 8.97
CA GLU B 194 -9.14 -16.71 9.20
C GLU B 194 -9.66 -16.02 7.93
N TRP B 195 -10.91 -16.28 7.59
CA TRP B 195 -11.54 -15.52 6.50
C TRP B 195 -12.98 -15.11 6.83
N SER B 196 -13.44 -14.04 6.19
CA SER B 196 -14.72 -13.50 6.46
C SER B 196 -15.16 -12.49 5.40
N SER B 197 -16.40 -12.04 5.44
N SER B 197 -16.43 -12.11 5.56
CA SER B 197 -16.76 -10.98 4.51
CA SER B 197 -17.13 -11.15 4.70
C SER B 197 -17.23 -9.71 5.27
C SER B 197 -17.02 -9.72 5.25
N GLU B 198 -16.88 -9.58 6.56
CA GLU B 198 -16.95 -8.28 7.24
C GLU B 198 -15.78 -8.09 8.19
N TYR B 199 -15.29 -6.85 8.25
CA TYR B 199 -14.33 -6.49 9.27
C TYR B 199 -14.99 -6.45 10.62
N LEU B 200 -14.16 -6.27 11.65
CA LEU B 200 -14.64 -5.97 12.98
C LEU B 200 -15.58 -4.80 12.96
N ASP B 201 -16.60 -4.87 13.81
CA ASP B 201 -17.46 -3.76 14.24
C ASP B 201 -16.70 -2.46 14.31
N PRO B 202 -17.18 -1.41 13.64
CA PRO B 202 -16.32 -0.21 13.68
C PRO B 202 -16.49 0.64 14.99
N ASN B 203 -17.45 0.30 15.85
CA ASN B 203 -17.46 0.82 17.23
C ASN B 203 -16.27 0.37 18.06
N ALA B 204 -15.51 -0.61 17.54
CA ALA B 204 -14.38 -1.17 18.26
C ALA B 204 -13.14 -0.33 18.09
N ALA B 205 -12.45 -0.10 19.21
CA ALA B 205 -11.18 0.56 19.28
C ALA B 205 -10.05 -0.32 18.75
N GLY B 206 -10.07 -1.57 19.15
CA GLY B 206 -9.08 -2.49 18.69
C GLY B 206 -9.27 -3.82 19.35
N TRP B 207 -8.25 -4.68 19.24
CA TRP B 207 -8.30 -5.99 19.86
C TRP B 207 -7.02 -6.29 20.62
N ASP B 208 -7.12 -7.31 21.47
CA ASP B 208 -6.02 -7.94 22.17
C ASP B 208 -6.14 -9.44 21.96
N TRP B 209 -5.10 -10.01 21.39
CA TRP B 209 -5.04 -11.41 21.01
C TRP B 209 -3.80 -12.06 21.53
N ILE B 210 -3.93 -13.31 21.97
CA ILE B 210 -2.79 -14.12 22.44
C ILE B 210 -2.96 -15.52 21.92
N SER B 211 -1.85 -16.18 21.65
CA SER B 211 -1.86 -17.64 21.55
C SER B 211 -0.67 -18.15 22.28
N ALA B 212 -0.81 -19.39 22.78
CA ALA B 212 0.30 -20.02 23.51
C ALA B 212 0.47 -21.48 23.09
N ASN B 213 1.71 -21.81 22.76
CA ASN B 213 2.15 -23.20 22.69
C ASN B 213 2.57 -23.58 24.09
N LEU B 214 1.82 -24.48 24.72
CA LEU B 214 2.11 -24.82 26.12
C LEU B 214 2.97 -26.08 26.14
N ASP B 215 3.80 -26.15 27.15
CA ASP B 215 4.91 -27.10 27.20
C ASP B 215 4.36 -28.50 27.18
N ASP B 216 3.17 -28.71 27.75
CA ASP B 216 2.63 -30.11 27.78
C ASP B 216 1.92 -30.55 26.53
N GLY B 217 1.90 -29.70 25.51
CA GLY B 217 1.26 -30.00 24.22
C GLY B 217 -0.09 -29.33 24.07
N SER B 218 -0.53 -28.63 25.11
CA SER B 218 -1.78 -27.89 25.07
C SER B 218 -1.58 -26.62 24.21
N ALA B 219 -2.67 -26.07 23.77
CA ALA B 219 -2.67 -24.91 22.87
C ALA B 219 -3.76 -23.98 23.35
N LEU B 220 -3.40 -22.74 23.63
CA LEU B 220 -4.37 -21.70 24.04
C LEU B 220 -4.47 -20.58 23.03
N ALA B 222 -6.86 -16.82 22.78
CA ALA B 222 -7.85 -15.96 23.39
C ALA B 222 -7.80 -14.58 22.78
N PHE B 223 -8.95 -13.91 22.80
CA PHE B 223 -8.95 -12.50 22.46
C PHE B 223 -10.06 -11.70 23.08
N GLN B 224 -9.94 -10.37 23.01
CA GLN B 224 -11.03 -9.48 23.41
C GLN B 224 -11.07 -8.36 22.41
N ILE B 225 -12.26 -7.82 22.24
CA ILE B 225 -12.51 -6.74 21.36
C ILE B 225 -12.96 -5.60 22.26
N ARG B 226 -12.23 -4.49 22.16
CA ARG B 226 -12.44 -3.35 23.06
C ARG B 226 -13.32 -2.29 22.39
N GLY B 227 -14.27 -1.76 23.15
CA GLY B 227 -15.06 -0.63 22.69
C GLY B 227 -14.31 0.69 22.79
N LYS B 228 -14.71 1.65 21.95
CA LYS B 228 -14.23 3.01 22.04
C LYS B 228 -14.62 3.60 23.41
N ASP B 229 -15.57 2.96 24.08
CA ASP B 229 -16.04 3.40 25.40
C ASP B 229 -15.37 2.63 26.54
N ASP B 230 -14.30 1.90 26.18
CA ASP B 230 -13.54 1.03 27.09
C ASP B 230 -14.34 -0.17 27.67
N SER B 231 -15.44 -0.53 27.00
CA SER B 231 -16.16 -1.77 27.28
C SER B 231 -15.53 -2.96 26.54
N LYS B 232 -15.83 -4.16 27.02
CA LYS B 232 -15.54 -5.38 26.36
C LYS B 232 -16.70 -5.65 25.40
N ILE B 233 -16.46 -5.48 24.12
CA ILE B 233 -17.47 -5.72 23.10
C ILE B 233 -17.65 -7.21 22.92
N TRP B 234 -16.57 -7.98 22.99
CA TRP B 234 -16.65 -9.43 22.82
C TRP B 234 -15.38 -10.00 23.39
N ALA B 235 -15.40 -11.29 23.69
CA ALA B 235 -14.16 -11.97 24.09
C ALA B 235 -14.37 -13.45 23.82
N TYR B 236 -13.27 -14.15 23.68
CA TYR B 236 -13.27 -15.57 23.38
C TYR B 236 -12.02 -16.18 23.84
N ALA B 237 -12.10 -17.46 24.24
CA ALA B 237 -10.92 -18.29 24.39
C ALA B 237 -11.18 -19.78 24.08
N ALA B 238 -10.11 -20.45 23.74
CA ALA B 238 -10.17 -21.89 23.56
C ALA B 238 -8.88 -22.53 24.06
N LEU B 239 -9.00 -23.62 24.81
CA LEU B 239 -7.84 -24.35 25.29
C LEU B 239 -8.03 -25.79 24.88
N ARG B 240 -7.15 -26.27 24.01
CA ARG B 240 -7.05 -27.68 23.71
C ARG B 240 -6.00 -28.31 24.64
N ASP B 241 -6.41 -29.29 25.42
CA ASP B 241 -5.50 -29.91 26.34
C ASP B 241 -4.58 -30.90 25.62
N ALA B 242 -3.65 -31.49 26.36
CA ALA B 242 -2.68 -32.43 25.77
C ALA B 242 -3.37 -33.70 25.23
N SER B 243 -4.56 -34.03 25.72
CA SER B 243 -5.40 -35.09 25.16
C SER B 243 -6.12 -34.73 23.85
N GLY B 244 -6.07 -33.48 23.42
CA GLY B 244 -6.78 -33.18 22.21
C GLY B 244 -8.20 -32.68 22.42
N HIS B 245 -8.68 -32.58 23.68
CA HIS B 245 -10.01 -32.03 24.00
C HIS B 245 -9.99 -30.51 24.07
N THR B 246 -10.87 -29.87 23.32
CA THR B 246 -10.95 -28.44 23.32
C THR B 246 -12.07 -27.96 24.24
N ARG B 247 -11.71 -27.00 25.10
CA ARG B 247 -12.63 -26.30 25.98
C ARG B 247 -12.78 -24.88 25.48
N LEU B 248 -14.02 -24.46 25.23
CA LEU B 248 -14.33 -23.10 24.77
C LEU B 248 -14.92 -22.23 25.90
N PHE B 249 -14.66 -20.94 25.79
CA PHE B 249 -15.09 -19.95 26.75
C PHE B 249 -15.94 -18.87 26.11
N THR B 250 -17.03 -18.54 26.80
CA THR B 250 -17.94 -17.47 26.37
C THR B 250 -17.30 -16.11 26.64
N PRO B 251 -17.90 -15.03 26.10
CA PRO B 251 -17.36 -13.71 26.43
C PRO B 251 -17.33 -13.37 27.90
N ASP B 252 -18.38 -13.69 28.63
CA ASP B 252 -18.39 -13.43 30.08
C ASP B 252 -17.34 -14.21 30.89
N GLN B 253 -16.82 -15.32 30.35
CA GLN B 253 -15.78 -16.12 31.02
C GLN B 253 -14.34 -15.68 30.70
N VAL B 254 -14.19 -14.65 29.87
CA VAL B 254 -12.84 -14.23 29.42
C VAL B 254 -12.64 -12.76 29.74
N SER B 255 -11.53 -12.46 30.39
CA SER B 255 -11.23 -11.09 30.78
C SER B 255 -9.76 -10.82 30.85
N PHE B 256 -9.40 -9.60 30.51
CA PHE B 256 -7.98 -9.19 30.41
C PHE B 256 -7.75 -8.16 31.49
N HIS B 257 -6.60 -8.22 32.18
CA HIS B 257 -6.34 -7.35 33.32
C HIS B 257 -4.89 -6.89 33.31
N PRO B 258 -4.59 -5.73 32.69
CA PRO B 258 -3.25 -5.18 32.67
C PRO B 258 -2.51 -5.15 34.00
N ILE B 259 -1.22 -5.48 33.96
CA ILE B 259 -0.34 -5.33 35.10
C ILE B 259 0.53 -4.09 34.98
N ARG B 260 1.13 -3.92 33.82
CA ARG B 260 2.06 -2.86 33.52
C ARG B 260 1.90 -2.43 32.05
N THR B 261 2.13 -1.16 31.83
CA THR B 261 1.79 -0.52 30.61
C THR B 261 3.10 0.14 30.17
N TRP B 262 3.32 0.15 28.86
CA TRP B 262 4.53 0.70 28.26
C TRP B 262 4.11 1.72 27.20
N ARG B 263 4.70 2.91 27.22
CA ARG B 263 4.38 3.98 26.27
C ARG B 263 5.41 4.06 25.11
N SER B 264 4.90 4.18 23.88
CA SER B 264 5.74 4.33 22.69
C SER B 264 6.01 5.81 22.49
N ALA B 265 7.27 6.18 22.55
CA ALA B 265 7.72 7.52 22.27
C ALA B 265 7.47 7.89 20.81
N ARG B 266 7.48 6.87 19.94
CA ARG B 266 7.29 7.08 18.50
C ARG B 266 5.85 7.43 18.15
N THR B 267 4.87 6.72 18.68
CA THR B 267 3.43 6.95 18.33
C THR B 267 2.57 7.51 19.45
N GLN B 268 3.15 7.63 20.64
CA GLN B 268 2.40 7.96 21.85
C GLN B 268 1.52 6.86 22.41
N ALA B 269 1.40 5.71 21.77
CA ALA B 269 0.50 4.66 22.23
C ALA B 269 0.91 4.02 23.58
N VAL B 270 -0.07 3.63 24.38
CA VAL B 270 0.18 3.02 25.70
C VAL B 270 -0.40 1.63 25.73
N TYR B 271 0.46 0.64 25.94
CA TYR B 271 0.13 -0.75 25.66
C TYR B 271 0.27 -1.53 26.96
N PRO B 272 -0.68 -2.42 27.25
CA PRO B 272 -0.54 -3.34 28.39
C PRO B 272 0.36 -4.50 28.03
N VAL B 273 1.66 -4.26 28.07
CA VAL B 273 2.64 -5.24 27.62
C VAL B 273 2.76 -6.45 28.58
N ALA B 274 2.31 -6.26 29.82
CA ALA B 274 2.21 -7.30 30.82
C ALA B 274 0.79 -7.28 31.32
N THR B 275 0.18 -8.44 31.37
CA THR B 275 -1.23 -8.52 31.68
C THR B 275 -1.60 -9.91 32.17
N ARG B 276 -2.81 -10.04 32.71
CA ARG B 276 -3.38 -11.35 33.05
C ARG B 276 -4.67 -11.58 32.30
N VAL B 277 -4.86 -12.81 31.85
CA VAL B 277 -6.05 -13.20 31.17
C VAL B 277 -6.69 -14.33 31.97
N LEU B 278 -7.97 -14.19 32.25
CA LEU B 278 -8.76 -15.22 32.89
C LEU B 278 -9.66 -15.86 31.85
N THR B 279 -9.60 -17.18 31.82
CA THR B 279 -10.48 -18.03 31.02
C THR B 279 -11.14 -18.89 32.06
N GLY B 280 -12.38 -18.56 32.40
CA GLY B 280 -13.05 -19.19 33.51
C GLY B 280 -12.22 -19.10 34.79
N GLU B 281 -12.04 -20.24 35.42
CA GLU B 281 -11.31 -20.35 36.70
C GLU B 281 -9.78 -20.34 36.53
N THR B 282 -9.27 -20.29 35.30
CA THR B 282 -7.82 -20.35 35.06
C THR B 282 -7.27 -18.96 34.82
N GLU B 283 -6.14 -18.68 35.47
CA GLU B 283 -5.48 -17.42 35.41
C GLU B 283 -4.12 -17.57 34.69
N TRP B 284 -3.98 -16.77 33.63
CA TRP B 284 -2.83 -16.76 32.79
C TRP B 284 -2.15 -15.42 32.96
N GLN B 285 -0.85 -15.46 33.17
CA GLN B 285 -0.05 -14.26 33.23
C GLN B 285 0.90 -14.22 32.04
N ILE B 286 0.92 -13.03 31.41
CA ILE B 286 1.74 -12.71 30.23
C ILE B 286 2.91 -11.76 30.57
N THR B 287 4.09 -12.19 30.19
CA THR B 287 5.32 -11.46 30.41
C THR B 287 5.93 -11.26 29.03
N PRO B 288 6.15 -10.00 28.66
CA PRO B 288 6.68 -9.72 27.36
C PRO B 288 8.18 -9.99 27.30
N LEU B 289 8.67 -10.46 26.15
CA LEU B 289 10.10 -10.67 25.94
C LEU B 289 10.85 -9.36 26.10
N ASP B 291 9.60 -4.81 25.94
CA ASP B 291 8.49 -3.84 25.96
C ASP B 291 8.21 -3.23 24.58
N ASP B 292 9.26 -2.85 23.84
CA ASP B 292 9.06 -2.25 22.51
C ASP B 292 8.97 -3.31 21.41
N GLN B 293 7.76 -3.80 21.19
CA GLN B 293 7.49 -4.66 20.06
C GLN B 293 6.40 -4.06 19.17
N GLU B 294 6.48 -2.72 19.00
CA GLU B 294 5.51 -1.96 18.20
C GLU B 294 5.96 -1.88 16.73
N LEU B 295 5.00 -2.14 15.84
CA LEU B 295 5.19 -2.17 14.38
C LEU B 295 4.20 -1.16 13.83
N ASP B 296 4.76 -0.13 13.19
CA ASP B 296 4.00 0.87 12.48
C ASP B 296 4.05 0.63 10.95
N SER B 297 2.98 0.09 10.36
CA SER B 297 2.91 -0.16 8.93
C SER B 297 1.98 0.86 8.23
N ARG B 298 1.87 2.07 8.77
CA ARG B 298 0.85 2.99 8.28
C ARG B 298 1.16 3.49 6.85
N ALA B 299 2.44 3.54 6.48
CA ALA B 299 2.81 3.95 5.11
C ALA B 299 2.80 2.79 4.08
N SER B 300 2.40 1.61 4.51
CA SER B 300 2.02 0.49 3.64
C SER B 300 0.55 0.14 3.90
N ALA B 301 -0.27 1.19 4.05
CA ALA B 301 -1.75 1.09 4.22
C ALA B 301 -2.21 0.26 5.45
N GLY B 302 -1.34 0.15 6.46
CA GLY B 302 -1.67 -0.61 7.65
C GLY B 302 -1.92 0.35 8.77
N ALA B 303 -1.36 0.02 9.92
CA ALA B 303 -1.77 0.65 11.17
C ALA B 303 -0.68 0.38 12.19
N VAL B 304 -0.84 0.91 13.39
CA VAL B 304 0.14 0.71 14.44
C VAL B 304 -0.29 -0.47 15.28
N TYR B 305 0.59 -1.46 15.37
CA TYR B 305 0.38 -2.72 16.08
C TYR B 305 1.48 -2.96 17.09
N TRP B 306 1.15 -3.68 18.16
CA TRP B 306 2.11 -4.31 19.02
C TRP B 306 2.11 -5.81 18.68
N GLU B 307 3.27 -6.31 18.24
CA GLU B 307 3.41 -7.70 17.79
C GLU B 307 4.50 -8.32 18.59
N GLY B 308 4.16 -8.82 19.77
CA GLY B 308 5.20 -9.18 20.69
C GLY B 308 5.22 -10.61 21.16
N ALA B 309 6.41 -11.16 21.15
CA ALA B 309 6.69 -12.43 21.79
C ALA B 309 6.47 -12.26 23.28
N VAL B 310 5.82 -13.25 23.87
CA VAL B 310 5.54 -13.28 25.27
C VAL B 310 5.68 -14.71 25.81
N THR B 311 5.77 -14.80 27.14
CA THR B 311 5.80 -16.08 27.87
C THR B 311 4.60 -16.13 28.83
N PHE B 312 4.11 -17.34 29.07
CA PHE B 312 2.92 -17.63 29.90
C PHE B 312 3.17 -18.48 31.13
N THR B 313 2.54 -18.09 32.25
CA THR B 313 2.31 -18.96 33.36
C THR B 313 0.84 -19.24 33.45
N ARG B 314 0.54 -20.37 34.09
CA ARG B 314 -0.81 -20.86 34.24
C ARG B 314 -1.00 -21.22 35.67
N ASP B 315 -2.01 -20.60 36.28
CA ASP B 315 -2.18 -20.67 37.73
C ASP B 315 -0.84 -20.64 38.47
N GLY B 316 -0.02 -19.66 38.03
CA GLY B 316 1.25 -19.33 38.66
C GLY B 316 2.39 -20.27 38.36
N GLN B 317 2.17 -21.25 37.48
CA GLN B 317 3.17 -22.26 37.09
C GLN B 317 3.65 -21.87 35.67
N PRO B 318 4.98 -21.89 35.41
CA PRO B 318 5.46 -21.71 34.01
C PRO B 318 4.70 -22.65 33.07
N ALA B 319 4.19 -22.14 31.95
CA ALA B 319 3.30 -22.95 31.10
C ALA B 319 3.66 -22.94 29.61
N GLY B 320 4.11 -21.81 29.07
CA GLY B 320 4.62 -21.81 27.70
C GLY B 320 5.03 -20.49 27.08
N ARG B 321 5.02 -20.46 25.76
CA ARG B 321 5.51 -19.32 25.00
C ARG B 321 4.59 -19.10 23.82
N GLY B 322 4.55 -17.86 23.34
CA GLY B 322 3.68 -17.48 22.22
C GLY B 322 3.75 -16.00 21.98
N TYR B 323 2.63 -15.45 21.55
CA TYR B 323 2.59 -14.07 21.07
C TYR B 323 1.35 -13.37 21.60
N GLU B 325 -0.78 -9.80 20.45
CA GLU B 325 -1.01 -8.75 19.46
C GLU B 325 -2.05 -7.80 19.98
N LEU B 326 -1.72 -6.51 19.85
CA LEU B 326 -2.47 -5.42 20.39
C LEU B 326 -2.69 -4.36 19.34
N THR B 327 -3.95 -3.95 19.17
CA THR B 327 -4.29 -2.93 18.19
C THR B 327 -5.14 -1.89 18.78
N GLY B 328 -5.13 -0.72 18.15
CA GLY B 328 -6.01 0.31 18.51
C GLY B 328 -5.61 1.09 19.74
N TYR B 329 -4.34 1.11 20.07
CA TYR B 329 -3.89 1.82 21.28
C TYR B 329 -3.41 3.25 20.98
N VAL B 330 -3.23 3.57 19.71
CA VAL B 330 -2.98 4.92 19.23
C VAL B 330 -4.32 5.65 19.07
N ARG B 331 -4.38 6.93 19.47
CA ARG B 331 -5.60 7.79 19.29
C ARG B 331 -5.31 9.04 18.43
#